data_3FIU
#
_entry.id   3FIU
#
_cell.length_a   50.432
_cell.length_b   126.438
_cell.length_c   152.531
_cell.angle_alpha   90.00
_cell.angle_beta   90.00
_cell.angle_gamma   90.00
#
_symmetry.space_group_name_H-M   'P 21 21 21'
#
loop_
_entity.id
_entity.type
_entity.pdbx_description
1 polymer 'NH(3)-dependent NAD(+) synthetase'
2 non-polymer 'MAGNESIUM ION'
3 non-polymer 'ADENOSINE MONOPHOSPHATE'
4 non-polymer 'PYROPHOSPHATE 2-'
5 non-polymer 'SODIUM ION'
6 water water
#
_entity_poly.entity_id   1
_entity_poly.type   'polypeptide(L)'
_entity_poly.pdbx_seq_one_letter_code
;MKIVKDFSPKEYSQKLVNWLSDSCMNYPAEGFVIGLSGGIDSAVAASLAVKTGLPTTALILPSDNNQHQDMQDALELIEM
LNIEHYTISIQPAYEAFLASTQSFTNLQNNRQLVIKGNAQARLRMMYLYAYAQQYNRIVIGTDNACEWYMGYFTKFGDGA
ADILPLVNLKKSQVFELGKYLDVPKNILDKAPSAGLWQGQTDEDEMGVTYQEIDDFLDGKQVSAKALERINFWHNRSHHK
RKLALTPNF
;
_entity_poly.pdbx_strand_id   A,B,C,D
#
loop_
_chem_comp.id
_chem_comp.type
_chem_comp.name
_chem_comp.formula
AMP non-polymer 'ADENOSINE MONOPHOSPHATE' 'C10 H14 N5 O7 P'
MG non-polymer 'MAGNESIUM ION' 'Mg 2'
NA non-polymer 'SODIUM ION' 'Na 1'
POP non-polymer 'PYROPHOSPHATE 2-' 'H2 O7 P2 -2'
#
# COMPACT_ATOMS: atom_id res chain seq x y z
N ASP A 6 -3.22 8.22 -23.04
CA ASP A 6 -3.68 9.34 -23.91
C ASP A 6 -4.93 8.90 -24.67
N PHE A 7 -6.07 9.07 -24.02
CA PHE A 7 -7.32 8.42 -24.43
C PHE A 7 -8.00 8.98 -25.68
N SER A 8 -8.29 8.08 -26.61
CA SER A 8 -9.14 8.34 -27.76
C SER A 8 -10.12 7.16 -27.89
N PRO A 9 -11.44 7.44 -27.87
CA PRO A 9 -12.48 6.42 -27.94
C PRO A 9 -12.27 5.38 -29.04
N LYS A 10 -12.01 5.83 -30.27
CA LYS A 10 -11.83 4.90 -31.38
C LYS A 10 -10.66 3.95 -31.17
N GLU A 11 -9.52 4.50 -30.78
CA GLU A 11 -8.30 3.74 -30.73
C GLU A 11 -8.33 2.77 -29.56
N TYR A 12 -8.74 3.28 -28.40
CA TYR A 12 -8.86 2.48 -27.18
C TYR A 12 -9.88 1.36 -27.35
N SER A 13 -11.05 1.70 -27.89
CA SER A 13 -12.05 0.72 -28.20
C SER A 13 -11.47 -0.47 -28.98
N GLN A 14 -10.71 -0.18 -30.05
CA GLN A 14 -10.16 -1.25 -30.86
C GLN A 14 -9.13 -2.08 -30.09
N LYS A 15 -8.34 -1.40 -29.25
CA LYS A 15 -7.35 -2.12 -28.42
C LYS A 15 -8.04 -3.07 -27.45
N LEU A 16 -9.10 -2.60 -26.83
CA LEU A 16 -9.86 -3.39 -25.87
C LEU A 16 -10.53 -4.59 -26.54
N VAL A 17 -11.11 -4.38 -27.73
CA VAL A 17 -11.74 -5.45 -28.49
C VAL A 17 -10.71 -6.53 -28.87
N ASN A 18 -9.54 -6.11 -29.33
CA ASN A 18 -8.46 -7.04 -29.68
C ASN A 18 -8.02 -7.84 -28.45
N TRP A 19 -7.84 -7.13 -27.34
CA TRP A 19 -7.45 -7.74 -26.06
C TRP A 19 -8.52 -8.72 -25.55
N LEU A 20 -9.78 -8.32 -25.57
CA LEU A 20 -10.85 -9.23 -25.19
C LEU A 20 -10.83 -10.48 -26.05
N SER A 21 -10.70 -10.31 -27.36
CA SER A 21 -10.67 -11.43 -28.27
C SER A 21 -9.52 -12.39 -27.99
N ASP A 22 -8.30 -11.86 -27.91
CA ASP A 22 -7.10 -12.64 -27.66
C ASP A 22 -7.18 -13.30 -26.28
N SER A 23 -7.58 -12.54 -25.28
CA SER A 23 -7.71 -13.06 -23.93
C SER A 23 -8.67 -14.25 -23.87
N CYS A 24 -9.79 -14.14 -24.58
CA CYS A 24 -10.81 -15.19 -24.58
C CYS A 24 -10.36 -16.44 -25.34
N MET A 25 -9.87 -16.23 -26.57
CA MET A 25 -9.21 -17.29 -27.33
C MET A 25 -8.18 -18.05 -26.50
N ASN A 26 -7.28 -17.31 -25.85
CA ASN A 26 -6.18 -17.89 -25.09
C ASN A 26 -6.56 -18.45 -23.72
N TYR A 27 -7.82 -18.24 -23.31
CA TYR A 27 -8.22 -18.55 -21.94
C TYR A 27 -8.05 -20.03 -21.56
N PRO A 28 -8.58 -20.96 -22.39
CA PRO A 28 -9.42 -20.89 -23.58
C PRO A 28 -10.91 -20.86 -23.27
N ALA A 29 -11.67 -20.14 -24.10
CA ALA A 29 -13.13 -20.09 -23.98
C ALA A 29 -13.73 -19.79 -25.36
N GLU A 30 -15.03 -20.00 -25.53
CA GLU A 30 -15.67 -19.75 -26.81
C GLU A 30 -16.19 -18.29 -26.94
N GLY A 31 -16.38 -17.61 -25.80
CA GLY A 31 -17.01 -16.28 -25.81
C GLY A 31 -17.27 -15.76 -24.41
N PHE A 32 -18.30 -14.94 -24.29
CA PHE A 32 -18.52 -14.10 -23.14
C PHE A 32 -19.92 -14.20 -22.60
N VAL A 33 -20.03 -13.87 -21.33
CA VAL A 33 -21.33 -13.61 -20.72
C VAL A 33 -21.16 -12.38 -19.84
N ILE A 34 -22.24 -11.60 -19.73
CA ILE A 34 -22.19 -10.33 -19.01
C ILE A 34 -23.56 -10.04 -18.41
N GLY A 35 -23.59 -9.54 -17.17
CA GLY A 35 -24.84 -9.08 -16.57
C GLY A 35 -25.13 -7.64 -17.00
N LEU A 36 -26.33 -7.42 -17.56
CA LEU A 36 -26.71 -6.06 -18.03
C LEU A 36 -27.72 -5.43 -17.10
N SER A 37 -27.29 -4.36 -16.43
CA SER A 37 -28.11 -3.69 -15.43
C SER A 37 -28.94 -2.55 -16.03
N GLY A 38 -28.63 -2.13 -17.25
CA GLY A 38 -29.25 -0.95 -17.85
C GLY A 38 -28.39 0.27 -17.58
N GLY A 39 -27.30 0.07 -16.84
CA GLY A 39 -26.27 1.13 -16.61
C GLY A 39 -25.22 1.20 -17.71
N ILE A 40 -24.39 2.26 -17.66
CA ILE A 40 -23.38 2.51 -18.69
C ILE A 40 -22.19 1.53 -18.70
N ASP A 41 -21.72 1.09 -17.51
CA ASP A 41 -20.50 0.23 -17.45
C ASP A 41 -20.78 -1.09 -18.14
N SER A 42 -21.92 -1.71 -17.80
CA SER A 42 -22.23 -3.00 -18.40
C SER A 42 -22.64 -2.83 -19.87
N ALA A 43 -23.28 -1.70 -20.19
CA ALA A 43 -23.61 -1.41 -21.59
C ALA A 43 -22.34 -1.37 -22.48
N VAL A 44 -21.36 -0.59 -22.02
CA VAL A 44 -20.09 -0.45 -22.76
C VAL A 44 -19.37 -1.80 -22.86
N ALA A 45 -19.21 -2.47 -21.73
CA ALA A 45 -18.56 -3.79 -21.71
C ALA A 45 -19.24 -4.79 -22.68
N ALA A 46 -20.57 -4.85 -22.68
CA ALA A 46 -21.31 -5.73 -23.62
C ALA A 46 -21.06 -5.37 -25.10
N SER A 47 -21.13 -4.08 -25.40
CA SER A 47 -20.85 -3.56 -26.74
C SER A 47 -19.44 -3.93 -27.25
N LEU A 48 -18.44 -3.79 -26.39
CA LEU A 48 -17.07 -4.22 -26.74
C LEU A 48 -17.00 -5.71 -27.02
N ALA A 49 -17.63 -6.51 -26.14
CA ALA A 49 -17.61 -7.97 -26.32
C ALA A 49 -18.19 -8.31 -27.66
N VAL A 50 -19.34 -7.72 -27.98
CA VAL A 50 -20.02 -7.98 -29.25
C VAL A 50 -19.11 -7.69 -30.45
N LYS A 51 -18.31 -6.64 -30.35
CA LYS A 51 -17.40 -6.25 -31.44
C LYS A 51 -16.28 -7.24 -31.74
N THR A 52 -15.95 -8.11 -30.78
CA THR A 52 -14.95 -9.16 -31.03
C THR A 52 -15.45 -10.19 -32.06
N GLY A 53 -16.76 -10.22 -32.29
CA GLY A 53 -17.38 -11.25 -33.13
C GLY A 53 -17.50 -12.62 -32.47
N LEU A 54 -17.07 -12.75 -31.21
CA LEU A 54 -17.25 -14.00 -30.47
C LEU A 54 -18.63 -14.06 -29.81
N PRO A 55 -19.20 -15.27 -29.65
CA PRO A 55 -20.50 -15.45 -29.00
C PRO A 55 -20.56 -14.67 -27.69
N THR A 56 -21.64 -13.92 -27.50
CA THR A 56 -21.75 -13.01 -26.35
C THR A 56 -23.18 -13.11 -25.87
N THR A 57 -23.39 -13.42 -24.59
CA THR A 57 -24.75 -13.52 -24.05
C THR A 57 -24.90 -12.54 -22.92
N ALA A 58 -26.09 -11.91 -22.83
CA ALA A 58 -26.40 -11.02 -21.71
C ALA A 58 -27.44 -11.62 -20.78
N LEU A 59 -27.20 -11.49 -19.48
CA LEU A 59 -28.21 -11.85 -18.52
C LEU A 59 -28.79 -10.58 -17.90
N ILE A 60 -30.11 -10.48 -17.90
CA ILE A 60 -30.79 -9.45 -17.11
C ILE A 60 -31.37 -10.10 -15.88
N LEU A 61 -31.00 -9.56 -14.72
CA LEU A 61 -31.22 -10.27 -13.44
C LEU A 61 -31.86 -9.37 -12.41
N PRO A 62 -33.11 -8.95 -12.68
CA PRO A 62 -33.75 -8.02 -11.73
C PRO A 62 -34.15 -8.64 -10.39
N SER A 63 -34.08 -7.85 -9.34
CA SER A 63 -34.79 -8.19 -8.11
C SER A 63 -35.98 -7.23 -8.00
N ASP A 64 -36.84 -7.40 -7.01
CA ASP A 64 -37.97 -6.50 -6.88
C ASP A 64 -37.53 -5.07 -6.58
N ASN A 65 -36.30 -4.88 -6.10
CA ASN A 65 -35.76 -3.52 -5.83
C ASN A 65 -35.45 -2.70 -7.08
N ASN A 66 -35.21 -3.42 -8.18
CA ASN A 66 -34.79 -2.78 -9.44
C ASN A 66 -35.92 -2.05 -10.15
N GLN A 67 -35.56 -1.02 -10.90
CA GLN A 67 -36.53 -0.21 -11.61
C GLN A 67 -36.81 -0.81 -12.97
N HIS A 68 -38.08 -0.90 -13.31
CA HIS A 68 -38.46 -1.47 -14.59
C HIS A 68 -37.75 -0.81 -15.80
N GLN A 69 -37.46 0.49 -15.70
CA GLN A 69 -36.81 1.20 -16.81
C GLN A 69 -35.42 0.67 -17.08
N ASP A 70 -34.76 0.17 -16.05
CA ASP A 70 -33.40 -0.30 -16.18
C ASP A 70 -33.37 -1.64 -16.92
N MET A 71 -34.35 -2.51 -16.64
CA MET A 71 -34.52 -3.73 -17.42
C MET A 71 -34.83 -3.37 -18.87
N GLN A 72 -35.71 -2.39 -19.08
CA GLN A 72 -36.12 -2.00 -20.45
C GLN A 72 -34.95 -1.45 -21.27
N ASP A 73 -34.11 -0.65 -20.63
CA ASP A 73 -32.92 -0.09 -21.30
C ASP A 73 -31.92 -1.18 -21.65
N ALA A 74 -31.71 -2.13 -20.74
CA ALA A 74 -30.84 -3.28 -21.04
C ALA A 74 -31.38 -4.08 -22.25
N LEU A 75 -32.70 -4.32 -22.24
CA LEU A 75 -33.35 -5.02 -23.35
C LEU A 75 -33.19 -4.25 -24.64
N GLU A 76 -33.36 -2.93 -24.56
CA GLU A 76 -33.13 -2.10 -25.74
C GLU A 76 -31.73 -2.31 -26.34
N LEU A 77 -30.71 -2.25 -25.49
CA LEU A 77 -29.33 -2.55 -25.93
C LEU A 77 -29.14 -3.94 -26.55
N ILE A 78 -29.68 -4.97 -25.88
CA ILE A 78 -29.66 -6.34 -26.40
C ILE A 78 -30.28 -6.41 -27.82
N GLU A 79 -31.44 -5.78 -28.02
CA GLU A 79 -32.11 -5.73 -29.33
C GLU A 79 -31.19 -5.12 -30.39
N MET A 80 -30.54 -4.03 -30.03
CA MET A 80 -29.62 -3.32 -30.93
C MET A 80 -28.40 -4.19 -31.31
N LEU A 81 -27.91 -4.94 -30.33
CA LEU A 81 -26.71 -5.77 -30.48
C LEU A 81 -27.01 -7.11 -31.08
N ASN A 82 -28.28 -7.51 -31.04
CA ASN A 82 -28.75 -8.78 -31.60
C ASN A 82 -28.05 -9.95 -30.92
N ILE A 83 -28.04 -9.94 -29.59
CA ILE A 83 -27.38 -11.01 -28.85
C ILE A 83 -28.34 -11.94 -28.14
N GLU A 84 -27.90 -13.18 -27.98
CA GLU A 84 -28.52 -14.11 -27.04
C GLU A 84 -28.66 -13.46 -25.66
N HIS A 85 -29.81 -13.63 -25.02
CA HIS A 85 -30.02 -13.05 -23.69
C HIS A 85 -31.10 -13.77 -22.93
N TYR A 86 -31.08 -13.63 -21.62
CA TYR A 86 -32.16 -14.13 -20.76
C TYR A 86 -32.46 -13.11 -19.68
N THR A 87 -33.75 -12.94 -19.40
CA THR A 87 -34.21 -12.13 -18.30
C THR A 87 -34.75 -13.04 -17.22
N ILE A 88 -34.09 -13.03 -16.07
CA ILE A 88 -34.45 -13.94 -14.97
C ILE A 88 -34.57 -13.18 -13.66
N SER A 89 -35.76 -13.22 -13.04
CA SER A 89 -35.89 -12.61 -11.72
C SER A 89 -35.08 -13.40 -10.70
N ILE A 90 -34.30 -12.68 -9.90
CA ILE A 90 -33.52 -13.30 -8.85
C ILE A 90 -34.31 -13.32 -7.57
N GLN A 91 -35.54 -12.80 -7.63
CA GLN A 91 -36.32 -12.65 -6.39
C GLN A 91 -36.62 -13.98 -5.65
N PRO A 92 -37.08 -15.03 -6.38
CA PRO A 92 -37.32 -16.33 -5.69
C PRO A 92 -36.10 -16.88 -4.96
N ALA A 93 -34.97 -16.90 -5.65
CA ALA A 93 -33.73 -17.36 -5.05
C ALA A 93 -33.31 -16.44 -3.89
N TYR A 94 -33.44 -15.13 -4.08
CA TYR A 94 -33.05 -14.18 -3.03
C TYR A 94 -33.93 -14.38 -1.76
N GLU A 95 -35.24 -14.51 -1.94
CA GLU A 95 -36.15 -14.70 -0.82
C GLU A 95 -35.88 -16.00 -0.05
N ALA A 96 -35.59 -17.08 -0.78
CA ALA A 96 -35.26 -18.35 -0.10
C ALA A 96 -33.97 -18.13 0.70
N PHE A 97 -33.01 -17.47 0.07
CA PHE A 97 -31.74 -17.25 0.78
C PHE A 97 -31.97 -16.39 2.03
N LEU A 98 -32.60 -15.24 1.84
CA LEU A 98 -32.79 -14.31 2.96
C LEU A 98 -33.58 -14.96 4.11
N ALA A 99 -34.73 -15.58 3.80
CA ALA A 99 -35.51 -16.28 4.83
C ALA A 99 -34.59 -17.23 5.63
N SER A 100 -33.75 -17.98 4.92
CA SER A 100 -32.89 -18.97 5.57
C SER A 100 -31.79 -18.45 6.49
N THR A 101 -31.48 -17.16 6.37
CA THR A 101 -30.51 -16.52 7.27
C THR A 101 -31.09 -16.01 8.61
N GLN A 102 -32.40 -16.24 8.81
CA GLN A 102 -33.15 -15.76 10.00
C GLN A 102 -32.44 -15.95 11.31
N SER A 103 -31.90 -17.15 11.54
CA SER A 103 -31.32 -17.47 12.85
C SER A 103 -30.19 -16.56 13.27
N PHE A 104 -29.48 -15.97 12.32
CA PHE A 104 -28.33 -15.15 12.70
C PHE A 104 -28.45 -13.68 12.38
N THR A 105 -29.59 -13.31 11.79
CA THR A 105 -29.82 -12.06 11.02
C THR A 105 -30.95 -11.32 11.66
N GLN A 112 -28.38 -3.47 7.12
CA GLN A 112 -29.14 -4.59 6.56
C GLN A 112 -29.37 -4.46 5.04
N LEU A 113 -29.55 -3.22 4.56
CA LEU A 113 -29.72 -2.99 3.13
C LEU A 113 -28.43 -3.29 2.35
N VAL A 114 -27.29 -3.00 2.96
CA VAL A 114 -25.99 -3.31 2.36
C VAL A 114 -25.80 -4.83 2.24
N ILE A 115 -26.26 -5.54 3.25
CA ILE A 115 -26.19 -6.99 3.26
C ILE A 115 -27.11 -7.56 2.15
N LYS A 116 -28.33 -7.04 2.07
CA LYS A 116 -29.25 -7.38 0.98
C LYS A 116 -28.59 -7.15 -0.38
N GLY A 117 -28.04 -5.96 -0.58
CA GLY A 117 -27.41 -5.57 -1.84
C GLY A 117 -26.28 -6.52 -2.19
N ASN A 118 -25.50 -6.87 -1.18
CA ASN A 118 -24.36 -7.78 -1.40
C ASN A 118 -24.80 -9.20 -1.76
N ALA A 119 -25.83 -9.70 -1.09
CA ALA A 119 -26.38 -11.03 -1.41
C ALA A 119 -26.90 -11.07 -2.85
N GLN A 120 -27.60 -10.02 -3.25
CA GLN A 120 -28.12 -10.00 -4.64
C GLN A 120 -26.99 -9.96 -5.64
N ALA A 121 -25.92 -9.22 -5.34
CA ALA A 121 -24.79 -9.18 -6.29
C ALA A 121 -24.12 -10.54 -6.44
N ARG A 122 -24.04 -11.29 -5.35
CA ARG A 122 -23.43 -12.60 -5.37
C ARG A 122 -24.36 -13.61 -6.07
N LEU A 123 -25.66 -13.46 -5.90
CA LEU A 123 -26.58 -14.26 -6.73
C LEU A 123 -26.35 -14.03 -8.22
N ARG A 124 -26.19 -12.76 -8.62
CA ARG A 124 -25.92 -12.48 -10.03
C ARG A 124 -24.63 -13.15 -10.50
N MET A 125 -23.59 -13.13 -9.65
CA MET A 125 -22.34 -13.85 -9.93
C MET A 125 -22.62 -15.33 -10.20
N MET A 126 -23.49 -15.91 -9.39
CA MET A 126 -23.85 -17.33 -9.53
C MET A 126 -24.50 -17.59 -10.89
N TYR A 127 -25.46 -16.75 -11.26
CA TYR A 127 -26.10 -16.88 -12.58
C TYR A 127 -25.09 -16.84 -13.71
N LEU A 128 -24.26 -15.80 -13.70
CA LEU A 128 -23.22 -15.63 -14.71
C LEU A 128 -22.29 -16.82 -14.87
N TYR A 129 -21.79 -17.33 -13.74
CA TYR A 129 -20.93 -18.51 -13.72
C TYR A 129 -21.65 -19.82 -14.07
N ALA A 130 -22.92 -19.97 -13.69
CA ALA A 130 -23.71 -21.13 -14.14
C ALA A 130 -23.81 -21.14 -15.67
N TYR A 131 -24.12 -19.97 -16.25
CA TYR A 131 -24.18 -19.87 -17.71
C TYR A 131 -22.81 -20.14 -18.36
N ALA A 132 -21.80 -19.46 -17.85
CA ALA A 132 -20.44 -19.53 -18.40
C ALA A 132 -19.94 -20.98 -18.44
N GLN A 133 -20.16 -21.71 -17.36
CA GLN A 133 -19.66 -23.08 -17.30
C GLN A 133 -20.44 -23.98 -18.23
N GLN A 134 -21.75 -23.73 -18.35
CA GLN A 134 -22.57 -24.54 -19.27
C GLN A 134 -22.22 -24.30 -20.75
N TYR A 135 -21.80 -23.09 -21.11
CA TYR A 135 -21.57 -22.71 -22.53
C TYR A 135 -20.14 -22.35 -22.86
N ASN A 136 -19.20 -22.73 -21.98
CA ASN A 136 -17.76 -22.39 -22.13
C ASN A 136 -17.49 -20.91 -22.43
N ARG A 137 -18.03 -20.03 -21.59
CA ARG A 137 -17.79 -18.59 -21.74
C ARG A 137 -16.92 -18.09 -20.63
N ILE A 138 -16.36 -16.89 -20.80
CA ILE A 138 -15.79 -16.20 -19.63
C ILE A 138 -16.67 -15.04 -19.19
N VAL A 139 -16.64 -14.72 -17.89
CA VAL A 139 -17.51 -13.70 -17.32
C VAL A 139 -16.81 -12.36 -17.35
N ILE A 140 -17.40 -11.41 -18.06
CA ILE A 140 -16.86 -10.06 -18.10
C ILE A 140 -17.33 -9.26 -16.90
N GLY A 141 -16.38 -8.78 -16.09
CA GLY A 141 -16.69 -7.87 -14.99
C GLY A 141 -16.63 -6.43 -15.49
N THR A 142 -17.49 -5.57 -14.92
CA THR A 142 -17.70 -4.24 -15.51
C THR A 142 -17.07 -3.09 -14.70
N ASP A 143 -16.36 -3.44 -13.62
CA ASP A 143 -15.69 -2.44 -12.73
C ASP A 143 -14.84 -1.47 -13.56
N ASN A 144 -15.05 -0.16 -13.33
CA ASN A 144 -14.22 0.86 -13.96
C ASN A 144 -13.19 1.33 -12.89
N ALA A 145 -12.25 2.22 -13.27
CA ALA A 145 -11.21 2.64 -12.30
C ALA A 145 -11.76 3.30 -11.05
N CYS A 146 -12.87 4.03 -11.19
CA CYS A 146 -13.52 4.68 -10.03
C CYS A 146 -14.09 3.69 -9.02
N GLU A 147 -14.95 2.79 -9.50
CA GLU A 147 -15.48 1.73 -8.64
C GLU A 147 -14.38 0.92 -7.99
N TRP A 148 -13.39 0.54 -8.78
CA TRP A 148 -12.25 -0.20 -8.26
C TRP A 148 -11.56 0.55 -7.09
N TYR A 149 -11.13 1.77 -7.35
CA TYR A 149 -10.48 2.59 -6.32
C TYR A 149 -11.33 2.82 -5.07
N MET A 150 -12.62 3.06 -5.27
CA MET A 150 -13.49 3.37 -4.15
C MET A 150 -13.94 2.07 -3.44
N GLY A 151 -13.55 0.93 -4.00
CA GLY A 151 -14.15 -0.36 -3.60
C GLY A 151 -15.68 -0.34 -3.63
N TYR A 152 -16.28 0.36 -4.62
CA TYR A 152 -17.74 0.40 -4.73
C TYR A 152 -18.19 -0.79 -5.60
N PHE A 153 -18.06 -1.96 -5.01
CA PHE A 153 -18.46 -3.23 -5.61
C PHE A 153 -18.55 -4.25 -4.49
N THR A 154 -19.28 -5.33 -4.74
CA THR A 154 -19.43 -6.40 -3.76
C THR A 154 -18.30 -7.40 -3.95
N LYS A 155 -17.59 -7.71 -2.86
CA LYS A 155 -16.55 -8.75 -2.93
C LYS A 155 -17.22 -10.08 -3.26
N PHE A 156 -16.73 -10.76 -4.31
CA PHE A 156 -17.32 -12.01 -4.85
C PHE A 156 -18.75 -11.86 -5.38
N GLY A 157 -19.16 -10.61 -5.63
CA GLY A 157 -20.41 -10.34 -6.35
C GLY A 157 -20.01 -9.76 -7.70
N ASP A 158 -20.30 -8.48 -7.92
CA ASP A 158 -19.91 -7.85 -9.19
C ASP A 158 -18.40 -7.63 -9.26
N GLY A 159 -17.73 -7.68 -8.11
CA GLY A 159 -16.26 -7.61 -8.11
C GLY A 159 -15.60 -8.92 -8.55
N ALA A 160 -16.41 -9.96 -8.78
CA ALA A 160 -15.91 -11.30 -9.13
C ALA A 160 -16.15 -11.59 -10.60
N ALA A 161 -15.08 -11.63 -11.39
CA ALA A 161 -15.24 -11.92 -12.81
C ALA A 161 -13.96 -12.57 -13.33
N ASP A 162 -13.94 -12.94 -14.61
CA ASP A 162 -12.76 -13.55 -15.22
C ASP A 162 -11.88 -12.50 -15.87
N ILE A 163 -12.50 -11.39 -16.29
CA ILE A 163 -11.81 -10.41 -17.11
C ILE A 163 -12.46 -9.05 -16.90
N LEU A 164 -11.63 -8.03 -16.76
CA LEU A 164 -12.06 -6.67 -16.42
C LEU A 164 -11.56 -5.65 -17.46
N PRO A 165 -12.30 -5.51 -18.57
CA PRO A 165 -11.85 -4.59 -19.62
C PRO A 165 -11.89 -3.10 -19.26
N LEU A 166 -12.72 -2.69 -18.29
CA LEU A 166 -12.92 -1.27 -18.04
C LEU A 166 -12.11 -0.74 -16.85
N VAL A 167 -11.35 -1.61 -16.20
CA VAL A 167 -10.87 -1.30 -14.86
C VAL A 167 -9.78 -0.19 -14.83
N ASN A 168 -9.15 0.09 -15.97
CA ASN A 168 -8.23 1.24 -16.07
C ASN A 168 -8.91 2.55 -16.49
N LEU A 169 -10.22 2.52 -16.74
CA LEU A 169 -10.94 3.70 -17.25
C LEU A 169 -11.63 4.57 -16.19
N LYS A 170 -11.48 5.89 -16.34
CA LYS A 170 -12.22 6.86 -15.55
C LYS A 170 -13.68 6.82 -16.02
N LYS A 171 -14.58 7.27 -15.18
CA LYS A 171 -16.01 7.20 -15.53
C LYS A 171 -16.31 8.01 -16.81
N SER A 172 -15.70 9.19 -16.92
CA SER A 172 -15.87 10.02 -18.11
C SER A 172 -15.39 9.30 -19.38
N GLN A 173 -14.35 8.47 -19.26
CA GLN A 173 -13.88 7.70 -20.40
C GLN A 173 -14.82 6.56 -20.74
N VAL A 174 -15.44 5.96 -19.72
CA VAL A 174 -16.51 4.97 -19.97
C VAL A 174 -17.66 5.63 -20.77
N PHE A 175 -18.09 6.82 -20.34
CA PHE A 175 -19.15 7.53 -21.07
C PHE A 175 -18.74 7.87 -22.51
N GLU A 176 -17.49 8.30 -22.69
CA GLU A 176 -16.97 8.57 -24.04
C GLU A 176 -17.05 7.34 -24.94
N LEU A 177 -16.71 6.18 -24.38
CA LEU A 177 -16.85 4.91 -25.10
C LEU A 177 -18.31 4.60 -25.41
N GLY A 178 -19.18 4.83 -24.44
CA GLY A 178 -20.62 4.68 -24.65
C GLY A 178 -21.14 5.48 -25.83
N LYS A 179 -20.78 6.76 -25.87
CA LYS A 179 -21.16 7.63 -26.98
C LYS A 179 -20.61 7.09 -28.31
N TYR A 180 -19.33 6.71 -28.33
CA TYR A 180 -18.70 6.16 -29.55
C TYR A 180 -19.36 4.86 -30.02
N LEU A 181 -19.83 4.05 -29.07
CA LEU A 181 -20.41 2.74 -29.37
C LEU A 181 -21.94 2.78 -29.56
N ASP A 182 -22.48 3.98 -29.63
CA ASP A 182 -23.90 4.21 -29.89
C ASP A 182 -24.82 3.55 -28.88
N VAL A 183 -24.42 3.58 -27.61
CA VAL A 183 -25.23 3.04 -26.54
C VAL A 183 -26.47 3.92 -26.45
N PRO A 184 -27.68 3.33 -26.26
CA PRO A 184 -28.89 4.17 -26.19
C PRO A 184 -28.81 5.38 -25.24
N LYS A 185 -29.35 6.47 -25.76
CA LYS A 185 -29.34 7.76 -25.05
C LYS A 185 -29.72 7.73 -23.58
N ASN A 186 -30.80 7.01 -23.21
CA ASN A 186 -31.18 6.97 -21.78
C ASN A 186 -30.11 6.39 -20.87
N ILE A 187 -29.34 5.44 -21.40
CA ILE A 187 -28.22 4.84 -20.64
C ILE A 187 -27.10 5.87 -20.49
N LEU A 188 -26.80 6.58 -21.58
CA LEU A 188 -25.82 7.68 -21.55
C LEU A 188 -26.20 8.76 -20.51
N ASP A 189 -27.48 9.06 -20.41
CA ASP A 189 -27.94 10.23 -19.66
C ASP A 189 -28.32 9.96 -18.21
N LYS A 190 -28.58 8.70 -17.88
CA LYS A 190 -29.11 8.36 -16.54
C LYS A 190 -28.02 8.48 -15.48
N ALA A 191 -28.46 8.67 -14.24
CA ALA A 191 -27.55 8.66 -13.09
C ALA A 191 -26.97 7.26 -12.84
N PRO A 192 -25.62 7.11 -12.77
CA PRO A 192 -25.00 5.87 -12.28
C PRO A 192 -25.60 5.45 -10.94
N SER A 193 -25.96 4.16 -10.82
CA SER A 193 -26.76 3.72 -9.68
C SER A 193 -26.59 2.22 -9.48
N ALA A 194 -26.55 1.78 -8.22
CA ALA A 194 -26.48 0.34 -7.96
C ALA A 194 -27.87 -0.32 -8.06
N GLY A 195 -28.92 0.51 -8.23
CA GLY A 195 -30.31 0.03 -8.43
C GLY A 195 -31.05 -0.56 -7.22
N LEU A 196 -30.57 -0.29 -6.01
CA LEU A 196 -31.16 -0.85 -4.79
C LEU A 196 -32.48 -0.23 -4.39
N TRP A 197 -32.72 1.02 -4.79
CA TRP A 197 -34.03 1.65 -4.61
C TRP A 197 -34.20 2.81 -5.58
N GLN A 198 -35.46 3.21 -5.78
CA GLN A 198 -35.79 4.25 -6.72
C GLN A 198 -35.15 5.57 -6.33
N GLY A 199 -34.41 6.16 -7.26
CA GLY A 199 -33.69 7.40 -6.98
C GLY A 199 -32.32 7.23 -6.36
N GLN A 200 -31.89 6.01 -6.07
CA GLN A 200 -30.52 5.82 -5.55
C GLN A 200 -29.49 6.24 -6.59
N THR A 201 -28.48 7.01 -6.21
CA THR A 201 -27.41 7.36 -7.15
C THR A 201 -26.05 7.11 -6.51
N ASP A 202 -25.10 6.66 -7.33
CA ASP A 202 -23.75 6.41 -6.84
C ASP A 202 -23.15 7.66 -6.17
N GLU A 203 -23.36 8.82 -6.78
CA GLU A 203 -22.72 10.04 -6.29
C GLU A 203 -23.27 10.46 -4.93
N ASP A 204 -24.59 10.30 -4.72
CA ASP A 204 -25.23 10.53 -3.42
C ASP A 204 -24.71 9.55 -2.40
N GLU A 205 -24.49 8.32 -2.83
CA GLU A 205 -24.06 7.26 -1.93
C GLU A 205 -22.64 7.52 -1.46
N MET A 206 -21.77 7.84 -2.42
CA MET A 206 -20.37 8.06 -2.08
C MET A 206 -20.13 9.42 -1.40
N GLY A 207 -21.01 10.40 -1.64
CA GLY A 207 -20.80 11.79 -1.17
C GLY A 207 -19.77 12.57 -1.98
N VAL A 208 -19.51 12.10 -3.20
CA VAL A 208 -18.44 12.62 -4.03
C VAL A 208 -18.81 12.31 -5.46
N THR A 209 -18.52 13.23 -6.37
CA THR A 209 -18.95 13.07 -7.76
C THR A 209 -17.94 12.25 -8.53
N TYR A 210 -18.38 11.65 -9.63
CA TYR A 210 -17.43 10.95 -10.50
C TYR A 210 -16.38 11.88 -11.05
N GLN A 211 -16.74 13.14 -11.30
CA GLN A 211 -15.75 14.07 -11.85
C GLN A 211 -14.62 14.29 -10.85
N GLU A 212 -14.98 14.41 -9.58
CA GLU A 212 -14.02 14.51 -8.47
C GLU A 212 -13.16 13.27 -8.36
N ILE A 213 -13.77 12.07 -8.38
CA ILE A 213 -12.96 10.86 -8.32
C ILE A 213 -12.02 10.78 -9.53
N ASP A 214 -12.53 11.12 -10.73
CA ASP A 214 -11.74 11.01 -11.94
C ASP A 214 -10.54 11.98 -11.86
N ASP A 215 -10.82 13.23 -11.47
CA ASP A 215 -9.74 14.22 -11.30
C ASP A 215 -8.67 13.69 -10.30
N PHE A 216 -9.11 13.15 -9.16
CA PHE A 216 -8.16 12.57 -8.22
C PHE A 216 -7.29 11.50 -8.89
N LEU A 217 -7.91 10.56 -9.61
CA LEU A 217 -7.15 9.50 -10.25
C LEU A 217 -6.14 10.08 -11.23
N ASP A 218 -6.47 11.23 -11.82
CA ASP A 218 -5.61 11.87 -12.82
C ASP A 218 -4.49 12.71 -12.16
N GLY A 219 -4.54 12.88 -10.84
CA GLY A 219 -3.57 13.78 -10.17
C GLY A 219 -3.93 15.24 -10.41
N LYS A 220 -5.23 15.54 -10.30
CA LYS A 220 -5.74 16.90 -10.37
C LYS A 220 -6.33 17.25 -9.04
N GLN A 221 -6.38 18.55 -8.74
CA GLN A 221 -6.85 19.02 -7.46
C GLN A 221 -8.33 18.72 -7.24
N VAL A 222 -8.67 18.30 -6.01
CA VAL A 222 -10.08 18.14 -5.60
C VAL A 222 -10.35 18.78 -4.24
N SER A 223 -11.62 19.02 -3.91
CA SER A 223 -11.98 19.67 -2.66
C SER A 223 -11.72 18.77 -1.46
N ALA A 224 -11.56 19.39 -0.29
CA ALA A 224 -11.30 18.67 0.97
C ALA A 224 -12.49 17.74 1.35
N LYS A 225 -13.70 18.17 1.02
CA LYS A 225 -14.91 17.35 1.19
C LYS A 225 -14.83 16.10 0.31
N ALA A 226 -14.56 16.31 -0.97
CA ALA A 226 -14.36 15.23 -1.94
C ALA A 226 -13.26 14.32 -1.45
N LEU A 227 -12.13 14.90 -1.12
CA LEU A 227 -10.99 14.08 -0.78
C LEU A 227 -11.26 13.27 0.52
N GLU A 228 -12.12 13.80 1.40
CA GLU A 228 -12.48 13.09 2.62
C GLU A 228 -13.33 11.85 2.28
N ARG A 229 -14.25 12.00 1.33
CA ARG A 229 -15.06 10.84 0.91
C ARG A 229 -14.25 9.81 0.13
N ILE A 230 -13.33 10.28 -0.72
CA ILE A 230 -12.48 9.38 -1.51
C ILE A 230 -11.62 8.47 -0.64
N ASN A 231 -10.83 9.06 0.27
CA ASN A 231 -10.02 8.26 1.19
C ASN A 231 -10.86 7.39 2.11
N PHE A 232 -12.03 7.85 2.56
CA PHE A 232 -12.86 7.04 3.46
C PHE A 232 -13.26 5.68 2.79
N TRP A 233 -13.82 5.77 1.60
CA TRP A 233 -14.16 4.59 0.78
C TRP A 233 -12.95 3.72 0.42
N HIS A 234 -11.89 4.34 -0.08
CA HIS A 234 -10.70 3.59 -0.50
C HIS A 234 -10.12 2.86 0.70
N ASN A 235 -10.10 3.54 1.84
CA ASN A 235 -9.45 2.98 3.04
C ASN A 235 -10.14 1.76 3.62
N ARG A 236 -11.47 1.75 3.60
CA ARG A 236 -12.21 0.66 4.19
C ARG A 236 -12.29 -0.58 3.27
N SER A 237 -11.70 -0.47 2.07
CA SER A 237 -11.78 -1.54 1.06
C SER A 237 -10.44 -2.09 0.57
N HIS A 238 -9.38 -1.96 1.36
CA HIS A 238 -8.06 -2.48 0.92
C HIS A 238 -8.14 -3.95 0.51
N HIS A 239 -8.84 -4.75 1.32
CA HIS A 239 -8.84 -6.20 1.11
C HIS A 239 -9.75 -6.67 -0.02
N LYS A 240 -10.71 -5.83 -0.39
CA LYS A 240 -11.62 -6.12 -1.54
C LYS A 240 -10.89 -6.23 -2.86
N ARG A 241 -9.73 -5.59 -2.97
CA ARG A 241 -9.03 -5.60 -4.24
C ARG A 241 -8.05 -6.76 -4.38
N LYS A 242 -7.54 -7.26 -3.26
CA LYS A 242 -6.42 -8.22 -3.23
C LYS A 242 -6.87 -9.65 -2.98
N LEU A 243 -5.96 -10.60 -3.23
CA LEU A 243 -6.19 -11.99 -2.93
C LEU A 243 -6.22 -12.13 -1.42
N ALA A 244 -6.78 -13.26 -0.97
CA ALA A 244 -6.86 -13.58 0.46
C ALA A 244 -5.47 -13.57 1.11
N LEU A 245 -5.42 -13.16 2.38
CA LEU A 245 -4.19 -13.18 3.20
C LEU A 245 -3.65 -14.59 3.36
N THR A 246 -2.35 -14.75 3.19
CA THR A 246 -1.72 -16.06 3.37
C THR A 246 -0.49 -15.92 4.28
N PRO A 247 -0.13 -16.99 5.01
CA PRO A 247 1.05 -16.91 5.86
C PRO A 247 2.29 -16.86 4.95
N ASN A 248 3.33 -16.17 5.40
CA ASN A 248 4.64 -16.23 4.74
C ASN A 248 5.53 -17.34 5.32
N PHE A 249 4.93 -18.32 6.00
CA PHE A 249 5.69 -19.39 6.63
C PHE A 249 5.00 -20.76 6.48
N ASP B 6 10.61 -27.69 7.75
CA ASP B 6 10.91 -28.49 8.98
C ASP B 6 9.65 -29.07 9.65
N PHE B 7 8.67 -28.20 9.91
CA PHE B 7 7.33 -28.57 10.43
C PHE B 7 7.24 -29.49 11.66
N SER B 8 6.81 -28.89 12.77
CA SER B 8 6.26 -29.68 13.85
C SER B 8 4.92 -29.06 14.22
N PRO B 9 3.91 -29.92 14.48
CA PRO B 9 2.54 -29.45 14.77
C PRO B 9 2.48 -28.41 15.88
N LYS B 10 3.15 -28.65 17.02
CA LYS B 10 3.01 -27.74 18.16
C LYS B 10 3.45 -26.32 17.83
N GLU B 11 4.63 -26.22 17.21
CA GLU B 11 5.21 -24.93 16.88
C GLU B 11 4.46 -24.27 15.73
N TYR B 12 4.19 -25.03 14.67
CA TYR B 12 3.48 -24.45 13.52
C TYR B 12 2.07 -24.02 13.92
N SER B 13 1.39 -24.80 14.74
CA SER B 13 0.12 -24.40 15.29
C SER B 13 0.17 -23.06 16.06
N GLN B 14 1.15 -22.87 16.92
CA GLN B 14 1.28 -21.59 17.63
C GLN B 14 1.57 -20.42 16.69
N LYS B 15 2.41 -20.64 15.68
CA LYS B 15 2.67 -19.59 14.69
C LYS B 15 1.42 -19.19 13.93
N LEU B 16 0.59 -20.18 13.59
CA LEU B 16 -0.64 -19.91 12.84
C LEU B 16 -1.67 -19.20 13.69
N VAL B 17 -1.78 -19.60 14.96
CA VAL B 17 -2.70 -18.97 15.89
C VAL B 17 -2.33 -17.50 16.01
N ASN B 18 -1.04 -17.24 16.25
CA ASN B 18 -0.54 -15.86 16.36
C ASN B 18 -0.77 -15.05 15.07
N TRP B 19 -0.54 -15.68 13.91
CA TRP B 19 -0.71 -15.01 12.63
C TRP B 19 -2.19 -14.73 12.35
N LEU B 20 -3.08 -15.68 12.68
CA LEU B 20 -4.54 -15.40 12.55
C LEU B 20 -4.96 -14.23 13.44
N SER B 21 -4.53 -14.26 14.70
CA SER B 21 -4.88 -13.22 15.63
C SER B 21 -4.43 -11.84 15.15
N ASP B 22 -3.15 -11.72 14.81
CA ASP B 22 -2.61 -10.45 14.34
C ASP B 22 -3.25 -10.00 13.03
N SER B 23 -3.43 -10.94 12.10
CA SER B 23 -4.08 -10.64 10.85
C SER B 23 -5.49 -10.10 11.06
N CYS B 24 -6.22 -10.71 11.98
CA CYS B 24 -7.59 -10.30 12.24
C CYS B 24 -7.63 -8.90 12.87
N MET B 25 -6.79 -8.66 13.88
CA MET B 25 -6.69 -7.34 14.54
C MET B 25 -6.28 -6.23 13.56
N ASN B 26 -5.32 -6.54 12.68
CA ASN B 26 -4.83 -5.55 11.70
C ASN B 26 -5.79 -5.31 10.51
N TYR B 27 -6.76 -6.21 10.35
CA TYR B 27 -7.64 -6.24 9.17
C TYR B 27 -8.35 -4.90 8.90
N PRO B 28 -9.07 -4.35 9.89
CA PRO B 28 -9.43 -4.87 11.22
C PRO B 28 -10.78 -5.59 11.25
N ALA B 29 -10.91 -6.56 12.14
CA ALA B 29 -12.17 -7.26 12.30
C ALA B 29 -12.27 -7.78 13.72
N GLU B 30 -13.45 -8.24 14.11
CA GLU B 30 -13.69 -8.72 15.47
C GLU B 30 -13.25 -10.16 15.67
N GLY B 31 -13.40 -10.98 14.63
CA GLY B 31 -13.15 -12.40 14.75
C GLY B 31 -13.42 -13.15 13.44
N PHE B 32 -13.77 -14.42 13.56
CA PHE B 32 -13.78 -15.34 12.40
C PHE B 32 -15.12 -15.98 12.18
N VAL B 33 -15.37 -16.34 10.93
CA VAL B 33 -16.46 -17.29 10.62
C VAL B 33 -15.90 -18.35 9.69
N ILE B 34 -16.41 -19.57 9.84
CA ILE B 34 -15.94 -20.68 9.04
C ILE B 34 -17.06 -21.67 8.73
N GLY B 35 -17.03 -22.24 7.51
CA GLY B 35 -17.94 -23.35 7.16
C GLY B 35 -17.36 -24.68 7.66
N LEU B 36 -18.13 -25.42 8.46
CA LEU B 36 -17.68 -26.73 8.96
C LEU B 36 -18.35 -27.89 8.25
N SER B 37 -17.59 -28.57 7.41
CA SER B 37 -18.14 -29.64 6.58
C SER B 37 -18.13 -31.01 7.28
N GLY B 38 -17.42 -31.14 8.38
CA GLY B 38 -17.15 -32.48 8.93
C GLY B 38 -15.83 -33.03 8.42
N GLY B 39 -15.19 -32.31 7.49
CA GLY B 39 -13.86 -32.70 6.98
C GLY B 39 -12.72 -32.15 7.82
N ILE B 40 -11.50 -32.59 7.48
CA ILE B 40 -10.31 -32.25 8.25
C ILE B 40 -9.83 -30.79 8.08
N ASP B 41 -9.90 -30.24 6.87
CA ASP B 41 -9.36 -28.91 6.65
C ASP B 41 -10.15 -27.89 7.47
N SER B 42 -11.47 -27.93 7.39
CA SER B 42 -12.28 -26.96 8.15
C SER B 42 -12.18 -27.23 9.65
N ALA B 43 -12.06 -28.50 10.04
CA ALA B 43 -11.94 -28.85 11.47
C ALA B 43 -10.69 -28.20 12.07
N VAL B 44 -9.58 -28.33 11.34
CA VAL B 44 -8.31 -27.77 11.73
C VAL B 44 -8.34 -26.24 11.78
N ALA B 45 -8.85 -25.62 10.70
CA ALA B 45 -8.94 -24.17 10.63
C ALA B 45 -9.82 -23.59 11.77
N ALA B 46 -10.95 -24.23 12.04
CA ALA B 46 -11.81 -23.78 13.14
C ALA B 46 -11.09 -23.89 14.50
N SER B 47 -10.40 -25.01 14.71
CA SER B 47 -9.70 -25.26 15.99
C SER B 47 -8.62 -24.19 16.20
N LEU B 48 -7.93 -23.84 15.12
CA LEU B 48 -6.90 -22.83 15.18
C LEU B 48 -7.52 -21.48 15.48
N ALA B 49 -8.61 -21.13 14.78
CA ALA B 49 -9.30 -19.85 15.04
C ALA B 49 -9.77 -19.72 16.51
N VAL B 50 -10.28 -20.81 17.09
CA VAL B 50 -10.75 -20.75 18.47
C VAL B 50 -9.59 -20.43 19.44
N LYS B 51 -8.42 -21.02 19.18
CA LYS B 51 -7.26 -20.79 20.03
C LYS B 51 -6.74 -19.35 20.06
N THR B 52 -7.11 -18.54 19.07
CA THR B 52 -6.79 -17.11 19.13
C THR B 52 -7.50 -16.41 20.29
N GLY B 53 -8.56 -17.00 20.81
CA GLY B 53 -9.40 -16.35 21.81
C GLY B 53 -10.32 -15.28 21.21
N LEU B 54 -10.25 -15.05 19.89
CA LEU B 54 -11.20 -14.15 19.23
C LEU B 54 -12.52 -14.87 18.91
N PRO B 55 -13.66 -14.11 18.88
CA PRO B 55 -14.98 -14.67 18.55
C PRO B 55 -14.91 -15.47 17.26
N THR B 56 -15.31 -16.73 17.31
CA THR B 56 -15.30 -17.64 16.15
C THR B 56 -16.66 -18.33 16.04
N THR B 57 -17.26 -18.26 14.84
CA THR B 57 -18.57 -18.89 14.60
C THR B 57 -18.42 -19.91 13.49
N ALA B 58 -19.06 -21.07 13.66
CA ALA B 58 -19.11 -22.08 12.63
C ALA B 58 -20.50 -22.14 11.99
N LEU B 59 -20.55 -22.22 10.67
CA LEU B 59 -21.77 -22.58 9.96
C LEU B 59 -21.69 -23.99 9.41
N ILE B 60 -22.77 -24.74 9.61
CA ILE B 60 -22.94 -26.04 8.96
C ILE B 60 -24.01 -25.84 7.90
N LEU B 61 -23.67 -26.13 6.65
CA LEU B 61 -24.50 -25.74 5.48
C LEU B 61 -24.75 -26.93 4.59
N PRO B 62 -25.50 -27.93 5.10
CA PRO B 62 -25.71 -29.14 4.32
C PRO B 62 -26.60 -28.93 3.09
N SER B 63 -26.33 -29.70 2.05
CA SER B 63 -27.30 -29.81 0.97
C SER B 63 -27.87 -31.22 1.11
N ASP B 64 -28.79 -31.60 0.23
CA ASP B 64 -29.38 -32.95 0.34
C ASP B 64 -28.40 -34.07 0.01
N ASN B 65 -27.32 -33.76 -0.67
CA ASN B 65 -26.31 -34.76 -1.01
C ASN B 65 -25.30 -35.03 0.12
N ASN B 66 -25.38 -34.27 1.21
CA ASN B 66 -24.45 -34.44 2.32
C ASN B 66 -24.85 -35.56 3.30
N GLN B 67 -23.87 -36.08 4.03
CA GLN B 67 -24.12 -37.22 4.94
C GLN B 67 -24.38 -36.78 6.36
N HIS B 68 -25.31 -37.47 7.02
CA HIS B 68 -25.60 -37.16 8.40
C HIS B 68 -24.39 -37.20 9.29
N GLN B 69 -23.52 -38.20 9.11
CA GLN B 69 -22.34 -38.31 9.98
C GLN B 69 -21.45 -37.07 9.89
N ASP B 70 -21.35 -36.48 8.70
CA ASP B 70 -20.54 -35.28 8.52
C ASP B 70 -21.11 -34.11 9.29
N MET B 71 -22.44 -33.99 9.31
CA MET B 71 -23.07 -33.00 10.18
C MET B 71 -22.78 -33.28 11.68
N GLN B 72 -22.94 -34.53 12.08
CA GLN B 72 -22.70 -34.91 13.46
C GLN B 72 -21.24 -34.71 13.89
N ASP B 73 -20.30 -35.00 12.99
CA ASP B 73 -18.89 -34.79 13.29
C ASP B 73 -18.60 -33.32 13.50
N ALA B 74 -19.14 -32.46 12.63
CA ALA B 74 -19.00 -31.01 12.80
C ALA B 74 -19.61 -30.51 14.13
N LEU B 75 -20.83 -30.94 14.43
CA LEU B 75 -21.48 -30.58 15.70
C LEU B 75 -20.69 -31.02 16.93
N GLU B 76 -20.12 -32.21 16.85
CA GLU B 76 -19.27 -32.71 17.93
C GLU B 76 -18.06 -31.80 18.15
N LEU B 77 -17.41 -31.39 17.06
CA LEU B 77 -16.31 -30.43 17.20
C LEU B 77 -16.76 -29.10 17.81
N ILE B 78 -17.91 -28.60 17.34
CA ILE B 78 -18.48 -27.40 17.86
C ILE B 78 -18.72 -27.51 19.39
N GLU B 79 -19.24 -28.65 19.83
CA GLU B 79 -19.43 -28.89 21.28
C GLU B 79 -18.14 -28.81 22.07
N MET B 80 -17.09 -29.46 21.56
CA MET B 80 -15.79 -29.48 22.20
C MET B 80 -15.16 -28.11 22.22
N LEU B 81 -15.27 -27.38 21.10
CA LEU B 81 -14.71 -26.02 20.98
C LEU B 81 -15.54 -24.97 21.75
N ASN B 82 -16.78 -25.31 22.06
CA ASN B 82 -17.73 -24.40 22.71
C ASN B 82 -17.95 -23.10 21.92
N ILE B 83 -18.23 -23.21 20.62
CA ILE B 83 -18.43 -22.00 19.84
C ILE B 83 -19.85 -21.81 19.36
N GLU B 84 -20.17 -20.56 19.06
CA GLU B 84 -21.43 -20.19 18.42
C GLU B 84 -21.49 -20.89 17.06
N HIS B 85 -22.68 -21.36 16.71
CA HIS B 85 -22.85 -22.08 15.46
C HIS B 85 -24.28 -22.02 14.96
N TYR B 86 -24.46 -22.25 13.66
CA TYR B 86 -25.77 -22.29 12.99
C TYR B 86 -25.73 -23.38 11.94
N THR B 87 -26.80 -24.15 11.88
CA THR B 87 -26.95 -25.19 10.89
C THR B 87 -28.09 -24.78 10.01
N ILE B 88 -27.79 -24.52 8.72
CA ILE B 88 -28.81 -24.13 7.74
C ILE B 88 -28.69 -24.91 6.44
N SER B 89 -29.76 -25.60 6.06
CA SER B 89 -29.76 -26.29 4.76
C SER B 89 -29.71 -25.27 3.60
N ILE B 90 -28.77 -25.49 2.67
CA ILE B 90 -28.67 -24.66 1.47
C ILE B 90 -29.61 -25.13 0.37
N GLN B 91 -30.26 -26.26 0.63
CA GLN B 91 -31.05 -26.93 -0.40
C GLN B 91 -32.22 -26.10 -0.93
N PRO B 92 -33.03 -25.49 -0.04
CA PRO B 92 -34.11 -24.63 -0.59
C PRO B 92 -33.62 -23.47 -1.49
N ALA B 93 -32.56 -22.76 -1.07
CA ALA B 93 -31.99 -21.71 -1.91
C ALA B 93 -31.44 -22.29 -3.21
N TYR B 94 -30.73 -23.42 -3.08
CA TYR B 94 -30.20 -24.07 -4.28
C TYR B 94 -31.34 -24.43 -5.24
N GLU B 95 -32.39 -25.06 -4.71
CA GLU B 95 -33.49 -25.49 -5.60
C GLU B 95 -34.13 -24.31 -6.35
N ALA B 96 -34.37 -23.20 -5.63
CA ALA B 96 -34.90 -21.98 -6.29
C ALA B 96 -33.96 -21.42 -7.35
N PHE B 97 -32.66 -21.32 -7.02
CA PHE B 97 -31.66 -20.90 -8.00
C PHE B 97 -31.68 -21.81 -9.25
N LEU B 98 -31.57 -23.11 -9.02
CA LEU B 98 -31.56 -24.08 -10.13
C LEU B 98 -32.80 -23.91 -11.02
N ALA B 99 -33.99 -23.84 -10.42
CA ALA B 99 -35.24 -23.74 -11.16
C ALA B 99 -35.19 -22.51 -12.05
N SER B 100 -34.66 -21.41 -11.50
CA SER B 100 -34.67 -20.12 -12.19
C SER B 100 -33.70 -20.11 -13.38
N THR B 101 -32.87 -21.16 -13.49
CA THR B 101 -31.90 -21.22 -14.62
C THR B 101 -32.40 -22.01 -15.82
N GLN B 102 -33.67 -22.40 -15.78
CA GLN B 102 -34.23 -23.32 -16.77
C GLN B 102 -34.19 -22.79 -18.22
N SER B 103 -34.38 -21.49 -18.41
CA SER B 103 -34.40 -20.92 -19.76
C SER B 103 -33.09 -21.13 -20.51
N PHE B 104 -31.99 -21.30 -19.78
CA PHE B 104 -30.69 -21.47 -20.44
C PHE B 104 -29.99 -22.82 -20.25
N THR B 105 -30.62 -23.73 -19.50
CA THR B 105 -30.12 -25.10 -19.34
C THR B 105 -30.68 -25.98 -20.46
N GLN B 112 -25.89 -30.87 -15.02
CA GLN B 112 -24.47 -31.08 -14.79
C GLN B 112 -24.14 -31.13 -13.32
N LEU B 113 -23.43 -32.19 -12.94
CA LEU B 113 -23.03 -32.40 -11.57
C LEU B 113 -22.01 -31.36 -11.10
N VAL B 114 -21.04 -31.02 -11.97
CA VAL B 114 -20.03 -30.00 -11.62
C VAL B 114 -20.67 -28.61 -11.49
N ILE B 115 -21.62 -28.31 -12.36
CA ILE B 115 -22.36 -27.04 -12.27
C ILE B 115 -23.10 -26.95 -10.93
N LYS B 116 -23.80 -28.02 -10.55
CA LYS B 116 -24.39 -28.15 -9.23
C LYS B 116 -23.38 -27.94 -8.09
N GLY B 117 -22.27 -28.67 -8.12
CA GLY B 117 -21.26 -28.59 -7.05
C GLY B 117 -20.81 -27.15 -6.88
N ASN B 118 -20.61 -26.47 -8.01
CA ASN B 118 -20.10 -25.09 -7.98
C ASN B 118 -21.14 -24.09 -7.44
N ALA B 119 -22.39 -24.26 -7.84
CA ALA B 119 -23.49 -23.42 -7.33
C ALA B 119 -23.60 -23.54 -5.82
N GLN B 120 -23.54 -24.79 -5.35
CA GLN B 120 -23.61 -25.08 -3.93
C GLN B 120 -22.44 -24.48 -3.13
N ALA B 121 -21.21 -24.59 -3.65
CA ALA B 121 -20.07 -23.87 -3.04
C ALA B 121 -20.26 -22.36 -2.96
N ARG B 122 -20.87 -21.79 -4.00
CA ARG B 122 -21.04 -20.34 -4.02
C ARG B 122 -22.14 -19.92 -3.05
N LEU B 123 -23.17 -20.75 -2.93
CA LEU B 123 -24.22 -20.51 -1.90
C LEU B 123 -23.61 -20.51 -0.49
N ARG B 124 -22.70 -21.44 -0.20
CA ARG B 124 -22.01 -21.46 1.09
C ARG B 124 -21.21 -20.15 1.34
N MET B 125 -20.46 -19.71 0.32
CA MET B 125 -19.79 -18.40 0.34
C MET B 125 -20.78 -17.27 0.73
N MET B 126 -21.97 -17.28 0.13
CA MET B 126 -22.99 -16.25 0.41
C MET B 126 -23.39 -16.26 1.87
N TYR B 127 -23.66 -17.45 2.42
CA TYR B 127 -23.98 -17.61 3.86
C TYR B 127 -22.88 -17.07 4.77
N LEU B 128 -21.64 -17.51 4.52
CA LEU B 128 -20.47 -17.09 5.30
C LEU B 128 -20.25 -15.58 5.25
N TYR B 129 -20.35 -14.97 4.06
CA TYR B 129 -20.16 -13.50 3.95
C TYR B 129 -21.36 -12.74 4.47
N ALA B 130 -22.55 -13.34 4.40
CA ALA B 130 -23.70 -12.71 5.06
C ALA B 130 -23.44 -12.60 6.55
N TYR B 131 -23.00 -13.70 7.15
CA TYR B 131 -22.70 -13.71 8.59
C TYR B 131 -21.58 -12.73 8.90
N ALA B 132 -20.51 -12.86 8.13
CA ALA B 132 -19.31 -12.02 8.32
C ALA B 132 -19.63 -10.53 8.33
N GLN B 133 -20.47 -10.08 7.41
CA GLN B 133 -20.84 -8.66 7.37
C GLN B 133 -21.73 -8.24 8.55
N GLN B 134 -22.64 -9.13 8.97
CA GLN B 134 -23.48 -8.82 10.13
C GLN B 134 -22.70 -8.67 11.43
N TYR B 135 -21.60 -9.41 11.58
CA TYR B 135 -20.88 -9.48 12.87
C TYR B 135 -19.43 -9.01 12.77
N ASN B 136 -19.12 -8.37 11.64
CA ASN B 136 -17.78 -7.84 11.41
C ASN B 136 -16.71 -8.92 11.64
N ARG B 137 -16.90 -10.07 10.99
CA ARG B 137 -15.94 -11.17 11.04
C ARG B 137 -15.21 -11.22 9.71
N ILE B 138 -14.09 -11.94 9.70
CA ILE B 138 -13.49 -12.34 8.42
C ILE B 138 -13.73 -13.83 8.17
N VAL B 139 -13.84 -14.17 6.89
CA VAL B 139 -14.13 -15.55 6.52
C VAL B 139 -12.84 -16.34 6.33
N ILE B 140 -12.70 -17.44 7.07
CA ILE B 140 -11.54 -18.31 6.92
C ILE B 140 -11.75 -19.30 5.80
N GLY B 141 -10.87 -19.26 4.79
CA GLY B 141 -10.87 -20.28 3.73
C GLY B 141 -9.94 -21.41 4.17
N THR B 142 -10.28 -22.64 3.79
CA THR B 142 -9.63 -23.85 4.34
C THR B 142 -8.71 -24.55 3.35
N ASP B 143 -8.50 -23.94 2.19
CA ASP B 143 -7.64 -24.50 1.14
C ASP B 143 -6.28 -24.88 1.71
N ASN B 144 -5.87 -26.13 1.49
CA ASN B 144 -4.49 -26.54 1.82
C ASN B 144 -3.61 -26.52 0.55
N ALA B 145 -2.31 -26.79 0.70
CA ALA B 145 -1.40 -26.67 -0.46
C ALA B 145 -1.78 -27.59 -1.61
N CYS B 146 -2.32 -28.78 -1.30
CA CYS B 146 -2.75 -29.73 -2.34
C CYS B 146 -3.94 -29.20 -3.11
N GLU B 147 -4.97 -28.73 -2.40
CA GLU B 147 -6.17 -28.21 -3.07
C GLU B 147 -5.82 -26.98 -3.93
N TRP B 148 -4.95 -26.12 -3.38
CA TRP B 148 -4.52 -24.91 -4.07
C TRP B 148 -3.83 -25.29 -5.40
N TYR B 149 -2.84 -26.18 -5.29
CA TYR B 149 -2.07 -26.59 -6.48
C TYR B 149 -2.95 -27.30 -7.51
N MET B 150 -3.83 -28.19 -7.05
CA MET B 150 -4.69 -28.94 -7.97
C MET B 150 -5.87 -28.09 -8.52
N GLY B 151 -6.08 -26.91 -7.97
CA GLY B 151 -7.31 -26.11 -8.20
C GLY B 151 -8.57 -26.87 -7.83
N TYR B 152 -8.49 -27.69 -6.79
CA TYR B 152 -9.67 -28.45 -6.35
C TYR B 152 -10.47 -27.59 -5.36
N PHE B 153 -11.09 -26.56 -5.93
CA PHE B 153 -11.95 -25.66 -5.22
C PHE B 153 -12.79 -24.89 -6.24
N THR B 154 -13.92 -24.34 -5.79
CA THR B 154 -14.79 -23.58 -6.70
C THR B 154 -14.37 -22.13 -6.68
N LYS B 155 -14.14 -21.56 -7.87
CA LYS B 155 -13.86 -20.14 -8.00
C LYS B 155 -15.06 -19.35 -7.46
N PHE B 156 -14.80 -18.45 -6.51
CA PHE B 156 -15.81 -17.64 -5.82
C PHE B 156 -16.76 -18.46 -4.95
N GLY B 157 -16.38 -19.72 -4.71
CA GLY B 157 -17.10 -20.61 -3.82
C GLY B 157 -16.23 -20.84 -2.58
N ASP B 158 -15.77 -22.07 -2.36
CA ASP B 158 -14.86 -22.32 -1.25
C ASP B 158 -13.49 -21.67 -1.50
N GLY B 159 -13.21 -21.33 -2.76
CA GLY B 159 -11.99 -20.59 -3.09
C GLY B 159 -12.04 -19.11 -2.70
N ALA B 160 -13.22 -18.64 -2.28
CA ALA B 160 -13.42 -17.23 -1.90
C ALA B 160 -13.35 -17.08 -0.38
N ALA B 161 -12.34 -16.38 0.09
CA ALA B 161 -12.18 -16.17 1.54
C ALA B 161 -11.34 -14.93 1.81
N ASP B 162 -11.24 -14.53 3.08
CA ASP B 162 -10.46 -13.38 3.46
C ASP B 162 -9.03 -13.79 3.85
N ILE B 163 -8.90 -15.02 4.35
CA ILE B 163 -7.68 -15.49 4.99
C ILE B 163 -7.57 -17.00 4.86
N LEU B 164 -6.36 -17.47 4.53
CA LEU B 164 -6.15 -18.87 4.19
C LEU B 164 -5.01 -19.46 5.04
N PRO B 165 -5.29 -19.82 6.30
CA PRO B 165 -4.23 -20.34 7.19
C PRO B 165 -3.54 -21.62 6.74
N LEU B 166 -4.21 -22.50 5.98
CA LEU B 166 -3.66 -23.84 5.67
C LEU B 166 -2.97 -23.96 4.30
N VAL B 167 -2.90 -22.85 3.56
CA VAL B 167 -2.59 -22.90 2.15
C VAL B 167 -1.15 -23.34 1.85
N ASN B 168 -0.26 -23.27 2.84
CA ASN B 168 1.13 -23.77 2.70
C ASN B 168 1.34 -25.20 3.20
N LEU B 169 0.29 -25.80 3.77
CA LEU B 169 0.37 -27.16 4.32
C LEU B 169 0.03 -28.28 3.36
N LYS B 170 0.91 -29.30 3.39
CA LYS B 170 0.62 -30.58 2.80
C LYS B 170 -0.57 -31.22 3.54
N LYS B 171 -1.29 -32.08 2.85
CA LYS B 171 -2.44 -32.72 3.46
C LYS B 171 -1.98 -33.49 4.71
N SER B 172 -0.80 -34.11 4.64
CA SER B 172 -0.36 -34.95 5.76
C SER B 172 -0.07 -34.05 6.97
N GLN B 173 0.36 -32.82 6.70
CA GLN B 173 0.57 -31.83 7.75
C GLN B 173 -0.75 -31.33 8.35
N VAL B 174 -1.77 -31.22 7.49
CA VAL B 174 -3.11 -30.86 7.98
C VAL B 174 -3.58 -31.95 8.98
N PHE B 175 -3.47 -33.22 8.59
CA PHE B 175 -3.80 -34.32 9.49
C PHE B 175 -3.00 -34.27 10.80
N GLU B 176 -1.69 -34.00 10.71
CA GLU B 176 -0.87 -33.92 11.92
C GLU B 176 -1.38 -32.84 12.86
N LEU B 177 -1.73 -31.67 12.30
CA LEU B 177 -2.36 -30.60 13.10
C LEU B 177 -3.67 -31.04 13.72
N GLY B 178 -4.48 -31.76 12.95
CA GLY B 178 -5.72 -32.34 13.48
C GLY B 178 -5.49 -33.21 14.71
N LYS B 179 -4.51 -34.10 14.63
CA LYS B 179 -4.19 -34.97 15.77
C LYS B 179 -3.71 -34.12 16.94
N TYR B 180 -2.76 -33.23 16.69
CA TYR B 180 -2.29 -32.29 17.73
C TYR B 180 -3.44 -31.51 18.40
N LEU B 181 -4.44 -31.09 17.60
CA LEU B 181 -5.53 -30.26 18.10
C LEU B 181 -6.73 -31.04 18.65
N ASP B 182 -6.57 -32.35 18.79
CA ASP B 182 -7.66 -33.23 19.29
C ASP B 182 -8.98 -33.11 18.54
N VAL B 183 -8.89 -32.98 17.21
CA VAL B 183 -10.05 -33.08 16.35
C VAL B 183 -10.69 -34.48 16.51
N PRO B 184 -12.04 -34.58 16.56
CA PRO B 184 -12.68 -35.92 16.64
C PRO B 184 -12.06 -36.97 15.74
N LYS B 185 -11.89 -38.17 16.30
CA LYS B 185 -11.32 -39.31 15.57
C LYS B 185 -11.93 -39.55 14.21
N ASN B 186 -13.26 -39.46 14.12
CA ASN B 186 -13.85 -39.81 12.85
C ASN B 186 -13.46 -38.80 11.76
N ILE B 187 -13.14 -37.57 12.16
CA ILE B 187 -12.72 -36.55 11.19
C ILE B 187 -11.29 -36.87 10.68
N LEU B 188 -10.46 -37.36 11.60
CA LEU B 188 -9.11 -37.82 11.24
C LEU B 188 -9.09 -39.04 10.33
N ASP B 189 -10.06 -39.94 10.50
CA ASP B 189 -10.04 -41.22 9.78
C ASP B 189 -10.85 -41.27 8.47
N LYS B 190 -11.80 -40.34 8.27
CA LYS B 190 -12.69 -40.41 7.10
C LYS B 190 -11.96 -39.99 5.83
N ALA B 191 -12.46 -40.42 4.68
CA ALA B 191 -11.88 -40.04 3.40
C ALA B 191 -12.16 -38.57 3.13
N PRO B 192 -11.12 -37.80 2.73
CA PRO B 192 -11.39 -36.44 2.22
C PRO B 192 -12.40 -36.45 1.09
N SER B 193 -13.35 -35.51 1.12
CA SER B 193 -14.51 -35.61 0.21
C SER B 193 -15.11 -34.24 0.05
N ALA B 194 -15.56 -33.90 -1.16
CA ALA B 194 -16.34 -32.68 -1.34
C ALA B 194 -17.80 -32.84 -0.90
N GLY B 195 -18.25 -34.07 -0.68
CA GLY B 195 -19.62 -34.32 -0.18
C GLY B 195 -20.72 -34.17 -1.24
N LEU B 196 -20.35 -34.21 -2.52
CA LEU B 196 -21.32 -34.08 -3.63
C LEU B 196 -22.21 -35.30 -3.83
N TRP B 197 -21.77 -36.47 -3.35
CA TRP B 197 -22.62 -37.67 -3.28
C TRP B 197 -22.01 -38.65 -2.29
N GLN B 198 -22.79 -39.63 -1.85
CA GLN B 198 -22.33 -40.62 -0.87
C GLN B 198 -21.23 -41.47 -1.45
N GLY B 199 -20.12 -41.59 -0.74
CA GLY B 199 -18.98 -42.37 -1.23
C GLY B 199 -18.00 -41.62 -2.13
N GLN B 200 -18.33 -40.40 -2.56
CA GLN B 200 -17.37 -39.58 -3.31
C GLN B 200 -16.11 -39.35 -2.47
N THR B 201 -14.93 -39.50 -3.08
CA THR B 201 -13.67 -39.14 -2.40
C THR B 201 -12.81 -38.29 -3.31
N ASP B 202 -12.13 -37.32 -2.69
CA ASP B 202 -11.21 -36.45 -3.40
C ASP B 202 -10.25 -37.29 -4.23
N GLU B 203 -9.73 -38.36 -3.63
CA GLU B 203 -8.69 -39.15 -4.33
C GLU B 203 -9.23 -39.89 -5.55
N ASP B 204 -10.46 -40.38 -5.47
CA ASP B 204 -11.12 -40.99 -6.64
C ASP B 204 -11.38 -39.93 -7.72
N GLU B 205 -11.76 -38.72 -7.29
CA GLU B 205 -12.12 -37.66 -8.23
C GLU B 205 -10.89 -37.15 -8.97
N MET B 206 -9.81 -36.93 -8.23
CA MET B 206 -8.55 -36.44 -8.77
C MET B 206 -7.80 -37.50 -9.55
N GLY B 207 -8.03 -38.77 -9.22
CA GLY B 207 -7.27 -39.87 -9.82
C GLY B 207 -5.80 -39.96 -9.35
N VAL B 208 -5.50 -39.31 -8.22
CA VAL B 208 -4.18 -39.32 -7.63
C VAL B 208 -4.42 -39.18 -6.11
N THR B 209 -3.54 -39.75 -5.29
CA THR B 209 -3.72 -39.68 -3.85
C THR B 209 -3.09 -38.43 -3.28
N TYR B 210 -3.55 -38.06 -2.08
CA TYR B 210 -2.91 -36.94 -1.39
C TYR B 210 -1.44 -37.18 -1.11
N GLN B 211 -1.07 -38.44 -0.85
CA GLN B 211 0.33 -38.73 -0.57
C GLN B 211 1.19 -38.43 -1.81
N GLU B 212 0.65 -38.74 -2.98
CA GLU B 212 1.34 -38.47 -4.26
C GLU B 212 1.43 -36.95 -4.50
N ILE B 213 0.33 -36.23 -4.27
CA ILE B 213 0.40 -34.77 -4.41
C ILE B 213 1.41 -34.16 -3.43
N ASP B 214 1.40 -34.61 -2.19
CA ASP B 214 2.29 -34.07 -1.16
C ASP B 214 3.74 -34.36 -1.60
N ASP B 215 3.98 -35.58 -2.10
CA ASP B 215 5.34 -35.97 -2.53
C ASP B 215 5.80 -35.11 -3.73
N PHE B 216 4.88 -34.93 -4.67
CA PHE B 216 5.10 -34.01 -5.76
C PHE B 216 5.45 -32.60 -5.28
N LEU B 217 4.65 -32.04 -4.37
CA LEU B 217 4.98 -30.73 -3.77
C LEU B 217 6.36 -30.72 -3.12
N ASP B 218 6.77 -31.83 -2.54
CA ASP B 218 8.09 -31.96 -1.92
C ASP B 218 9.23 -32.22 -2.89
N GLY B 219 8.94 -32.38 -4.18
CA GLY B 219 10.01 -32.73 -5.15
C GLY B 219 10.46 -34.18 -4.97
N LYS B 220 9.49 -35.07 -4.77
CA LYS B 220 9.76 -36.48 -4.68
C LYS B 220 9.15 -37.17 -5.88
N GLN B 221 9.64 -38.38 -6.16
CA GLN B 221 9.19 -39.11 -7.34
C GLN B 221 7.72 -39.52 -7.20
N VAL B 222 6.97 -39.37 -8.27
CA VAL B 222 5.63 -39.97 -8.33
C VAL B 222 5.48 -40.75 -9.63
N SER B 223 4.43 -41.55 -9.75
CA SER B 223 4.24 -42.35 -10.94
C SER B 223 3.83 -41.48 -12.13
N ALA B 224 3.98 -42.01 -13.36
CA ALA B 224 3.53 -41.32 -14.56
C ALA B 224 2.05 -40.95 -14.50
N LYS B 225 1.19 -41.87 -14.03
CA LYS B 225 -0.22 -41.49 -14.00
C LYS B 225 -0.52 -40.39 -12.99
N ALA B 226 0.13 -40.46 -11.82
CA ALA B 226 -0.03 -39.40 -10.80
C ALA B 226 0.36 -38.07 -11.39
N LEU B 227 1.52 -38.05 -12.04
CA LEU B 227 2.10 -36.84 -12.56
C LEU B 227 1.19 -36.24 -13.66
N GLU B 228 0.58 -37.12 -14.46
CA GLU B 228 -0.29 -36.70 -15.55
C GLU B 228 -1.50 -35.99 -14.96
N ARG B 229 -2.04 -36.57 -13.90
CA ARG B 229 -3.24 -36.03 -13.25
C ARG B 229 -2.88 -34.74 -12.53
N ILE B 230 -1.76 -34.73 -11.82
CA ILE B 230 -1.32 -33.50 -11.15
C ILE B 230 -1.19 -32.35 -12.15
N ASN B 231 -0.46 -32.61 -13.25
CA ASN B 231 -0.22 -31.58 -14.26
C ASN B 231 -1.53 -31.09 -14.91
N PHE B 232 -2.39 -32.03 -15.29
CA PHE B 232 -3.72 -31.77 -15.85
C PHE B 232 -4.58 -30.83 -14.97
N TRP B 233 -4.73 -31.19 -13.69
CA TRP B 233 -5.48 -30.38 -12.75
C TRP B 233 -4.86 -29.01 -12.54
N HIS B 234 -3.52 -28.97 -12.40
CA HIS B 234 -2.86 -27.72 -12.17
C HIS B 234 -2.99 -26.80 -13.40
N ASN B 235 -2.83 -27.37 -14.59
CA ASN B 235 -2.80 -26.58 -15.81
C ASN B 235 -4.14 -25.88 -16.07
N ARG B 236 -5.23 -26.61 -15.91
CA ARG B 236 -6.56 -26.10 -16.20
C ARG B 236 -7.09 -25.13 -15.14
N SER B 237 -6.33 -24.91 -14.08
CA SER B 237 -6.80 -24.11 -12.95
C SER B 237 -5.99 -22.85 -12.71
N HIS B 238 -5.14 -22.46 -13.67
CA HIS B 238 -4.33 -21.25 -13.49
C HIS B 238 -5.15 -20.01 -13.13
N HIS B 239 -6.27 -19.80 -13.83
CA HIS B 239 -7.06 -18.60 -13.57
C HIS B 239 -7.77 -18.59 -12.21
N LYS B 240 -8.00 -19.77 -11.63
CA LYS B 240 -8.64 -19.88 -10.32
C LYS B 240 -7.77 -19.30 -9.23
N ARG B 241 -6.47 -19.29 -9.46
CA ARG B 241 -5.54 -18.86 -8.42
C ARG B 241 -5.23 -17.37 -8.49
N LYS B 242 -5.52 -16.72 -9.61
CA LYS B 242 -5.06 -15.32 -9.82
C LYS B 242 -6.24 -14.36 -9.84
N LEU B 243 -5.96 -13.07 -9.67
CA LEU B 243 -6.98 -12.04 -9.89
C LEU B 243 -7.48 -12.09 -11.37
N ALA B 244 -8.63 -11.47 -11.60
CA ALA B 244 -9.16 -11.38 -12.96
C ALA B 244 -8.15 -10.66 -13.91
N LEU B 245 -8.21 -11.01 -15.18
CA LEU B 245 -7.38 -10.41 -16.21
C LEU B 245 -7.74 -8.95 -16.42
N THR B 246 -6.73 -8.11 -16.51
CA THR B 246 -6.94 -6.67 -16.72
C THR B 246 -6.00 -6.21 -17.84
N PRO B 247 -6.38 -5.15 -18.57
CA PRO B 247 -5.56 -4.63 -19.67
C PRO B 247 -4.25 -4.05 -19.15
N ASN B 248 -3.21 -4.22 -19.95
CA ASN B 248 -1.92 -3.58 -19.76
C ASN B 248 -1.88 -2.16 -20.39
N PHE B 249 -3.04 -1.49 -20.49
CA PHE B 249 -3.15 -0.18 -21.15
C PHE B 249 -4.36 0.65 -20.69
N ASP C 6 31.01 37.18 -13.44
CA ASP C 6 29.81 37.67 -12.68
C ASP C 6 28.51 37.05 -13.15
N PHE C 7 27.54 37.90 -13.51
CA PHE C 7 26.21 37.38 -13.84
C PHE C 7 25.49 38.02 -15.02
N SER C 8 25.12 37.15 -15.95
CA SER C 8 24.34 37.46 -17.15
C SER C 8 23.32 36.33 -17.22
N PRO C 9 22.01 36.67 -17.23
CA PRO C 9 21.00 35.60 -17.25
C PRO C 9 21.20 34.59 -18.38
N LYS C 10 21.47 35.06 -19.59
CA LYS C 10 21.64 34.15 -20.73
C LYS C 10 22.78 33.16 -20.54
N GLU C 11 23.95 33.68 -20.13
CA GLU C 11 25.14 32.85 -20.03
C GLU C 11 25.07 31.94 -18.79
N TYR C 12 24.57 32.47 -17.67
CA TYR C 12 24.50 31.67 -16.46
C TYR C 12 23.46 30.55 -16.62
N SER C 13 22.33 30.85 -17.27
CA SER C 13 21.31 29.83 -17.51
C SER C 13 21.88 28.64 -18.29
N GLN C 14 22.61 28.94 -19.37
CA GLN C 14 23.18 27.88 -20.20
C GLN C 14 24.19 27.01 -19.43
N LYS C 15 25.01 27.65 -18.60
CA LYS C 15 25.93 26.93 -17.72
C LYS C 15 25.20 26.02 -16.73
N LEU C 16 24.10 26.53 -16.16
CA LEU C 16 23.31 25.78 -15.20
C LEU C 16 22.61 24.62 -15.88
N VAL C 17 22.08 24.88 -17.08
CA VAL C 17 21.44 23.80 -17.84
C VAL C 17 22.43 22.64 -18.11
N ASN C 18 23.60 22.99 -18.63
CA ASN C 18 24.66 22.01 -18.90
C ASN C 18 25.09 21.25 -17.64
N TRP C 19 25.23 21.99 -16.53
CA TRP C 19 25.63 21.41 -15.24
C TRP C 19 24.54 20.49 -14.69
N LEU C 20 23.29 20.90 -14.78
CA LEU C 20 22.17 20.03 -14.40
C LEU C 20 22.15 18.78 -15.27
N SER C 21 22.34 18.97 -16.57
CA SER C 21 22.30 17.84 -17.47
C SER C 21 23.43 16.82 -17.17
N ASP C 22 24.67 17.31 -17.09
CA ASP C 22 25.83 16.44 -16.79
C ASP C 22 25.67 15.79 -15.41
N SER C 23 25.20 16.57 -14.43
CA SER C 23 25.09 16.05 -13.06
C SER C 23 24.06 14.95 -12.94
N CYS C 24 22.98 15.06 -13.71
CA CYS C 24 21.93 14.05 -13.71
C CYS C 24 22.41 12.78 -14.39
N MET C 25 23.02 12.92 -15.56
CA MET C 25 23.52 11.78 -16.30
C MET C 25 24.57 11.01 -15.49
N ASN C 26 25.49 11.75 -14.85
CA ASN C 26 26.55 11.12 -14.08
C ASN C 26 26.13 10.67 -12.69
N TYR C 27 24.91 11.01 -12.30
CA TYR C 27 24.43 10.74 -10.95
C TYR C 27 24.57 9.26 -10.54
N PRO C 28 24.05 8.32 -11.34
CA PRO C 28 23.21 8.44 -12.53
C PRO C 28 21.73 8.50 -12.25
N ALA C 29 20.98 9.21 -13.09
CA ALA C 29 19.53 9.22 -13.03
C ALA C 29 18.98 9.57 -14.39
N GLU C 30 17.68 9.40 -14.57
CA GLU C 30 17.07 9.59 -15.86
C GLU C 30 16.59 11.01 -16.06
N GLY C 31 16.40 11.74 -14.96
CA GLY C 31 15.79 13.06 -15.03
C GLY C 31 15.47 13.64 -13.66
N PHE C 32 14.52 14.57 -13.64
CA PHE C 32 14.31 15.42 -12.46
C PHE C 32 12.90 15.33 -11.98
N VAL C 33 12.74 15.58 -10.67
CA VAL C 33 11.44 15.94 -10.13
C VAL C 33 11.57 17.18 -9.24
N ILE C 34 10.51 17.98 -9.21
CA ILE C 34 10.58 19.22 -8.47
C ILE C 34 9.20 19.59 -7.91
N GLY C 35 9.16 20.11 -6.69
CA GLY C 35 7.92 20.69 -6.14
C GLY C 35 7.73 22.12 -6.66
N LEU C 36 6.56 22.39 -7.23
CA LEU C 36 6.21 23.75 -7.72
C LEU C 36 5.21 24.46 -6.84
N SER C 37 5.68 25.51 -6.17
CA SER C 37 4.86 26.20 -5.20
C SER C 37 4.07 27.32 -5.84
N GLY C 38 4.44 27.71 -7.05
CA GLY C 38 3.98 28.96 -7.62
C GLY C 38 4.89 30.14 -7.27
N GLY C 39 5.96 29.87 -6.53
CA GLY C 39 6.99 30.89 -6.23
C GLY C 39 8.09 30.88 -7.29
N ILE C 40 8.99 31.87 -7.19
CA ILE C 40 9.96 32.12 -8.22
C ILE C 40 11.11 31.10 -8.23
N ASP C 41 11.52 30.63 -7.03
CA ASP C 41 12.68 29.76 -6.95
C ASP C 41 12.35 28.44 -7.67
N SER C 42 11.22 27.83 -7.31
CA SER C 42 10.82 26.56 -7.93
C SER C 42 10.49 26.75 -9.41
N ALA C 43 9.94 27.91 -9.80
CA ALA C 43 9.62 28.19 -11.21
C ALA C 43 10.90 28.25 -12.05
N VAL C 44 11.88 28.99 -11.54
CA VAL C 44 13.18 29.09 -12.24
C VAL C 44 13.88 27.73 -12.35
N ALA C 45 13.97 27.01 -11.23
CA ALA C 45 14.62 25.72 -11.18
C ALA C 45 13.95 24.74 -12.15
N ALA C 46 12.62 24.75 -12.18
CA ALA C 46 11.87 23.83 -13.07
C ALA C 46 12.11 24.18 -14.53
N SER C 47 12.13 25.48 -14.82
CA SER C 47 12.39 25.94 -16.18
C SER C 47 13.78 25.51 -16.69
N LEU C 48 14.78 25.62 -15.82
CA LEU C 48 16.14 25.19 -16.14
C LEU C 48 16.21 23.69 -16.36
N ALA C 49 15.53 22.92 -15.51
CA ALA C 49 15.52 21.47 -15.66
C ALA C 49 14.94 21.09 -17.03
N VAL C 50 13.82 21.71 -17.42
CA VAL C 50 13.16 21.39 -18.72
C VAL C 50 14.12 21.61 -19.91
N LYS C 51 14.94 22.66 -19.81
CA LYS C 51 15.90 22.98 -20.85
C LYS C 51 16.99 21.95 -21.07
N THR C 52 17.24 21.09 -20.09
CA THR C 52 18.22 20.01 -20.27
C THR C 52 17.74 19.00 -21.33
N GLY C 53 16.44 18.97 -21.61
CA GLY C 53 15.85 17.92 -22.44
C GLY C 53 15.60 16.60 -21.72
N LEU C 54 15.95 16.53 -20.43
CA LEU C 54 15.74 15.32 -19.63
C LEU C 54 14.33 15.34 -19.06
N PRO C 55 13.71 14.14 -18.90
CA PRO C 55 12.33 14.14 -18.40
C PRO C 55 12.29 14.86 -17.05
N THR C 56 11.30 15.72 -16.90
CA THR C 56 11.15 16.56 -15.74
C THR C 56 9.70 16.52 -15.35
N THR C 57 9.44 16.27 -14.06
CA THR C 57 8.08 16.18 -13.56
C THR C 57 7.95 17.16 -12.44
N ALA C 58 6.81 17.84 -12.40
CA ALA C 58 6.50 18.75 -11.33
C ALA C 58 5.41 18.20 -10.42
N LEU C 59 5.61 18.32 -9.10
CA LEU C 59 4.53 18.06 -8.17
C LEU C 59 4.01 19.37 -7.57
N ILE C 60 2.70 19.53 -7.57
CA ILE C 60 2.04 20.61 -6.83
C ILE C 60 1.45 19.96 -5.62
N LEU C 61 1.81 20.49 -4.44
CA LEU C 61 1.53 19.78 -3.17
C LEU C 61 0.89 20.72 -2.17
N PRO C 62 -0.36 21.12 -2.43
CA PRO C 62 -0.90 22.15 -1.56
C PRO C 62 -1.36 21.60 -0.22
N SER C 63 -1.35 22.46 0.80
CA SER C 63 -2.07 22.18 2.02
C SER C 63 -3.30 23.10 2.04
N ASP C 64 -4.07 23.00 3.11
CA ASP C 64 -5.27 23.79 3.20
C ASP C 64 -4.97 25.27 3.39
N ASN C 65 -3.75 25.58 3.81
CA ASN C 65 -3.36 26.99 3.94
C ASN C 65 -2.80 27.66 2.68
N ASN C 66 -2.56 26.87 1.63
CA ASN C 66 -2.05 27.43 0.37
C ASN C 66 -3.15 28.18 -0.39
N GLN C 67 -2.74 29.11 -1.26
CA GLN C 67 -3.66 29.96 -2.02
C GLN C 67 -3.89 29.38 -3.39
N HIS C 68 -5.13 29.47 -3.84
CA HIS C 68 -5.49 29.00 -5.17
C HIS C 68 -4.64 29.61 -6.28
N GLN C 69 -4.40 30.92 -6.24
CA GLN C 69 -3.58 31.54 -7.32
C GLN C 69 -2.19 30.91 -7.43
N ASP C 70 -1.64 30.45 -6.30
CA ASP C 70 -0.32 29.84 -6.32
C ASP C 70 -0.34 28.48 -7.04
N MET C 71 -1.42 27.73 -6.87
CA MET C 71 -1.68 26.56 -7.69
C MET C 71 -1.83 26.88 -9.18
N GLN C 72 -2.63 27.90 -9.51
CA GLN C 72 -2.88 28.26 -10.92
C GLN C 72 -1.62 28.73 -11.62
N ASP C 73 -0.80 29.51 -10.89
CA ASP C 73 0.49 29.95 -11.43
C ASP C 73 1.42 28.80 -11.75
N ALA C 74 1.51 27.82 -10.84
CA ALA C 74 2.29 26.62 -11.12
C ALA C 74 1.73 25.84 -12.30
N LEU C 75 0.42 25.69 -12.34
CA LEU C 75 -0.21 24.98 -13.46
C LEU C 75 0.05 25.71 -14.76
N GLU C 76 0.04 27.04 -14.71
CA GLU C 76 0.34 27.82 -15.90
C GLU C 76 1.76 27.53 -16.41
N LEU C 77 2.73 27.52 -15.49
CA LEU C 77 4.09 27.23 -15.87
C LEU C 77 4.19 25.81 -16.43
N ILE C 78 3.48 24.86 -15.80
CA ILE C 78 3.50 23.47 -16.28
C ILE C 78 2.97 23.44 -17.76
N GLU C 79 1.91 24.17 -18.02
CA GLU C 79 1.35 24.20 -19.38
C GLU C 79 2.39 24.73 -20.37
N MET C 80 3.06 25.83 -20.01
CA MET C 80 4.11 26.41 -20.88
C MET C 80 5.23 25.45 -21.16
N LEU C 81 5.63 24.71 -20.14
CA LEU C 81 6.81 23.84 -20.22
C LEU C 81 6.44 22.52 -20.85
N ASN C 82 5.14 22.21 -20.82
CA ASN C 82 4.60 20.96 -21.35
C ASN C 82 5.14 19.72 -20.62
N ILE C 83 5.05 19.69 -19.30
CA ILE C 83 5.67 18.61 -18.53
C ILE C 83 4.66 17.76 -17.78
N GLU C 84 5.08 16.54 -17.43
CA GLU C 84 4.28 15.65 -16.59
C GLU C 84 4.14 16.33 -15.23
N HIS C 85 2.98 16.20 -14.61
CA HIS C 85 2.75 16.86 -13.33
C HIS C 85 1.65 16.19 -12.59
N TYR C 86 1.64 16.37 -11.27
CA TYR C 86 0.59 15.88 -10.39
C TYR C 86 0.31 16.93 -9.36
N THR C 87 -0.96 17.15 -9.08
CA THR C 87 -1.39 18.00 -7.98
C THR C 87 -2.01 17.11 -6.93
N ILE C 88 -1.39 17.09 -5.74
CA ILE C 88 -1.79 16.18 -4.67
C ILE C 88 -1.83 16.95 -3.37
N SER C 89 -3.00 17.01 -2.74
CA SER C 89 -3.12 17.69 -1.44
C SER C 89 -2.38 16.88 -0.38
N ILE C 90 -1.51 17.57 0.36
CA ILE C 90 -0.82 16.93 1.46
C ILE C 90 -1.66 16.94 2.74
N GLN C 91 -2.83 17.56 2.70
CA GLN C 91 -3.59 17.81 3.92
C GLN C 91 -4.05 16.53 4.68
N PRO C 92 -4.57 15.51 3.97
CA PRO C 92 -4.93 14.24 4.64
C PRO C 92 -3.78 13.59 5.38
N ALA C 93 -2.61 13.50 4.72
CA ALA C 93 -1.42 12.92 5.35
C ALA C 93 -1.01 13.81 6.53
N TYR C 94 -1.07 15.13 6.31
CA TYR C 94 -0.71 16.07 7.37
C TYR C 94 -1.63 15.91 8.60
N GLU C 95 -2.94 15.87 8.37
CA GLU C 95 -3.89 15.71 9.45
C GLU C 95 -3.74 14.40 10.25
N ALA C 96 -3.57 13.29 9.52
CA ALA C 96 -3.28 11.98 10.14
C ALA C 96 -2.00 12.04 10.99
N PHE C 97 -0.95 12.65 10.43
CA PHE C 97 0.31 12.79 11.17
C PHE C 97 0.09 13.65 12.44
N LEU C 98 -0.51 14.83 12.26
CA LEU C 98 -0.74 15.73 13.40
C LEU C 98 -1.53 15.06 14.53
N ALA C 99 -2.63 14.39 14.18
CA ALA C 99 -3.49 13.72 15.16
C ALA C 99 -2.70 12.71 15.97
N SER C 100 -1.86 11.95 15.27
CA SER C 100 -1.04 10.92 15.90
C SER C 100 0.03 11.44 16.85
N THR C 101 0.29 12.75 16.84
CA THR C 101 1.29 13.32 17.76
C THR C 101 0.68 13.80 19.07
N GLN C 102 -0.62 13.61 19.22
CA GLN C 102 -1.36 14.22 20.34
C GLN C 102 -0.81 13.84 21.72
N SER C 103 -0.30 12.61 21.88
CA SER C 103 0.22 12.17 23.18
C SER C 103 1.37 13.03 23.73
N PHE C 104 2.17 13.65 22.85
CA PHE C 104 3.28 14.49 23.33
C PHE C 104 3.14 15.96 22.99
N THR C 105 2.03 16.28 22.34
CA THR C 105 1.79 17.57 21.71
C THR C 105 1.05 18.51 22.65
N GLN C 112 4.19 26.22 17.49
CA GLN C 112 3.35 25.16 16.93
C GLN C 112 3.09 25.39 15.44
N LEU C 113 3.09 26.67 15.05
CA LEU C 113 2.99 27.04 13.64
C LEU C 113 4.26 26.65 12.89
N VAL C 114 5.40 26.84 13.54
CA VAL C 114 6.67 26.42 12.97
C VAL C 114 6.71 24.88 12.87
N ILE C 115 6.23 24.21 13.92
CA ILE C 115 6.10 22.75 13.89
C ILE C 115 5.25 22.23 12.70
N LYS C 116 4.05 22.77 12.58
CA LYS C 116 3.20 22.59 11.39
C LYS C 116 3.96 22.82 10.07
N GLY C 117 4.60 23.99 9.90
CA GLY C 117 5.26 24.34 8.63
C GLY C 117 6.35 23.32 8.31
N ASN C 118 7.08 22.94 9.37
CA ASN C 118 8.16 21.94 9.23
C ASN C 118 7.65 20.57 8.86
N ALA C 119 6.56 20.13 9.52
CA ALA C 119 5.93 18.84 9.12
C ALA C 119 5.47 18.85 7.66
N GLN C 120 4.84 19.95 7.24
CA GLN C 120 4.37 20.04 5.85
C GLN C 120 5.52 20.01 4.86
N ALA C 121 6.60 20.72 5.17
CA ALA C 121 7.77 20.65 4.27
C ALA C 121 8.39 19.25 4.17
N ARG C 122 8.40 18.51 5.28
CA ARG C 122 8.96 17.16 5.24
C ARG C 122 8.01 16.21 4.49
N LEU C 123 6.71 16.43 4.59
CA LEU C 123 5.77 15.67 3.78
C LEU C 123 6.00 15.89 2.27
N ARG C 124 6.18 17.14 1.85
CA ARG C 124 6.59 17.42 0.47
C ARG C 124 7.85 16.70 0.05
N MET C 125 8.87 16.70 0.91
CA MET C 125 10.10 15.91 0.70
C MET C 125 9.72 14.44 0.41
N MET C 126 8.82 13.90 1.25
CA MET C 126 8.38 12.51 1.10
C MET C 126 7.75 12.22 -0.25
N TYR C 127 6.83 13.09 -0.72
CA TYR C 127 6.25 12.97 -2.07
C TYR C 127 7.28 13.01 -3.21
N LEU C 128 8.20 13.97 -3.12
CA LEU C 128 9.24 14.11 -4.12
C LEU C 128 10.13 12.90 -4.19
N TYR C 129 10.56 12.40 -3.03
CA TYR C 129 11.44 11.21 -3.02
C TYR C 129 10.71 9.93 -3.41
N ALA C 130 9.44 9.82 -3.06
CA ALA C 130 8.59 8.71 -3.51
C ALA C 130 8.53 8.64 -5.05
N TYR C 131 8.24 9.79 -5.65
CA TYR C 131 8.20 9.87 -7.11
C TYR C 131 9.60 9.61 -7.67
N ALA C 132 10.61 10.24 -7.08
CA ALA C 132 11.98 10.12 -7.54
C ALA C 132 12.44 8.64 -7.60
N GLN C 133 12.20 7.90 -6.52
CA GLN C 133 12.60 6.48 -6.51
C GLN C 133 11.79 5.66 -7.52
N GLN C 134 10.50 5.94 -7.67
CA GLN C 134 9.68 5.19 -8.64
C GLN C 134 10.13 5.39 -10.10
N TYR C 135 10.63 6.59 -10.42
CA TYR C 135 10.95 6.93 -11.83
C TYR C 135 12.42 7.22 -12.11
N ASN C 136 13.26 6.80 -11.17
CA ASN C 136 14.71 7.05 -11.21
C ASN C 136 15.06 8.50 -11.55
N ARG C 137 14.46 9.44 -10.79
CA ARG C 137 14.77 10.87 -10.95
C ARG C 137 15.61 11.34 -9.77
N ILE C 138 16.19 12.53 -9.88
CA ILE C 138 16.76 13.18 -8.69
C ILE C 138 15.92 14.41 -8.31
N VAL C 139 15.97 14.78 -7.03
CA VAL C 139 15.11 15.84 -6.51
C VAL C 139 15.87 17.14 -6.58
N ILE C 140 15.31 18.11 -7.31
CA ILE C 140 15.89 19.47 -7.38
C ILE C 140 15.46 20.24 -6.16
N GLY C 141 16.44 20.71 -5.40
CA GLY C 141 16.17 21.63 -4.27
C GLY C 141 16.31 23.05 -4.80
N THR C 142 15.47 23.93 -4.29
CA THR C 142 15.32 25.24 -4.87
C THR C 142 15.95 26.38 -4.06
N ASP C 143 16.66 26.05 -2.98
CA ASP C 143 17.33 27.06 -2.15
C ASP C 143 18.22 27.98 -2.98
N ASN C 144 18.05 29.29 -2.80
CA ASN C 144 18.95 30.30 -3.38
C ASN C 144 19.96 30.71 -2.30
N ALA C 145 20.88 31.62 -2.66
CA ALA C 145 21.96 32.02 -1.73
C ALA C 145 21.42 32.64 -0.46
N CYS C 146 20.33 33.41 -0.57
CA CYS C 146 19.73 34.06 0.61
C CYS C 146 19.10 33.06 1.58
N GLU C 147 18.27 32.16 1.05
CA GLU C 147 17.70 31.09 1.88
C GLU C 147 18.76 30.23 2.55
N TRP C 148 19.79 29.86 1.80
CA TRP C 148 20.87 29.03 2.33
C TRP C 148 21.58 29.77 3.46
N TYR C 149 22.02 30.98 3.16
CA TYR C 149 22.74 31.78 4.17
C TYR C 149 21.87 32.07 5.42
N MET C 150 20.59 32.33 5.20
CA MET C 150 19.67 32.64 6.30
C MET C 150 19.16 31.39 7.03
N GLY C 151 19.46 30.20 6.49
CA GLY C 151 18.84 28.96 6.99
C GLY C 151 17.31 29.02 6.92
N TYR C 152 16.76 29.73 5.93
CA TYR C 152 15.29 29.85 5.80
C TYR C 152 14.81 28.65 4.96
N PHE C 153 14.86 27.49 5.58
CA PHE C 153 14.36 26.25 5.03
C PHE C 153 14.21 25.24 6.17
N THR C 154 13.40 24.21 5.92
CA THR C 154 13.16 23.18 6.91
C THR C 154 14.23 22.14 6.74
N LYS C 155 14.86 21.79 7.86
CA LYS C 155 15.83 20.70 7.84
C LYS C 155 15.12 19.39 7.49
N PHE C 156 15.60 18.71 6.44
CA PHE C 156 15.03 17.46 5.94
C PHE C 156 13.63 17.67 5.32
N GLY C 157 13.30 18.94 5.07
CA GLY C 157 12.10 19.33 4.35
C GLY C 157 12.50 19.84 2.99
N ASP C 158 12.23 21.12 2.73
CA ASP C 158 12.68 21.75 1.48
C ASP C 158 14.21 21.86 1.41
N GLY C 159 14.87 21.73 2.56
CA GLY C 159 16.33 21.79 2.59
C GLY C 159 16.95 20.45 2.26
N ALA C 160 16.09 19.45 2.03
CA ALA C 160 16.51 18.08 1.68
C ALA C 160 16.35 17.91 0.18
N ALA C 161 17.46 17.74 -0.53
CA ALA C 161 17.41 17.53 -1.98
C ALA C 161 18.69 16.89 -2.47
N ASP C 162 18.74 16.57 -3.76
CA ASP C 162 19.90 15.85 -4.33
C ASP C 162 20.82 16.84 -5.03
N ILE C 163 20.24 17.95 -5.48
CA ILE C 163 20.94 18.93 -6.31
C ILE C 163 20.33 20.33 -6.13
N LEU C 164 21.20 21.34 -6.02
CA LEU C 164 20.77 22.68 -5.68
C LEU C 164 21.29 23.66 -6.73
N PRO C 165 20.60 23.76 -7.89
CA PRO C 165 21.12 24.67 -8.95
C PRO C 165 21.19 26.17 -8.61
N LEU C 166 20.37 26.64 -7.67
CA LEU C 166 20.21 28.07 -7.39
C LEU C 166 21.00 28.59 -6.19
N VAL C 167 21.75 27.71 -5.55
CA VAL C 167 22.23 28.02 -4.22
C VAL C 167 23.33 29.12 -4.18
N ASN C 168 23.93 29.45 -5.33
CA ASN C 168 24.93 30.55 -5.39
C ASN C 168 24.32 31.88 -5.87
N LEU C 169 23.02 31.87 -6.11
CA LEU C 169 22.35 33.02 -6.69
C LEU C 169 21.67 33.91 -5.65
N LYS C 170 21.92 35.21 -5.73
CA LYS C 170 21.16 36.20 -5.00
C LYS C 170 19.72 36.17 -5.46
N LYS C 171 18.83 36.60 -4.60
CA LYS C 171 17.40 36.56 -4.96
C LYS C 171 17.14 37.39 -6.21
N SER C 172 17.80 38.55 -6.33
CA SER C 172 17.55 39.41 -7.50
C SER C 172 18.00 38.71 -8.78
N GLN C 173 19.04 37.89 -8.70
CA GLN C 173 19.47 37.07 -9.83
C GLN C 173 18.47 35.95 -10.19
N VAL C 174 17.87 35.34 -9.18
CA VAL C 174 16.79 34.37 -9.44
C VAL C 174 15.69 35.08 -10.23
N PHE C 175 15.34 36.30 -9.80
CA PHE C 175 14.33 37.06 -10.52
C PHE C 175 14.77 37.38 -11.98
N GLU C 176 16.03 37.75 -12.17
CA GLU C 176 16.50 37.98 -13.54
C GLU C 176 16.38 36.72 -14.40
N LEU C 177 16.69 35.56 -13.85
CA LEU C 177 16.59 34.32 -14.62
C LEU C 177 15.13 34.05 -14.96
N GLY C 178 14.25 34.30 -14.01
CA GLY C 178 12.82 34.12 -14.25
C GLY C 178 12.34 34.94 -15.43
N LYS C 179 12.79 36.18 -15.48
CA LYS C 179 12.42 37.07 -16.58
C LYS C 179 12.97 36.55 -17.91
N TYR C 180 14.24 36.17 -17.91
CA TYR C 180 14.89 35.58 -19.09
C TYR C 180 14.23 34.26 -19.51
N LEU C 181 13.79 33.47 -18.53
CA LEU C 181 13.15 32.19 -18.82
C LEU C 181 11.63 32.26 -19.05
N ASP C 182 11.08 33.47 -19.20
CA ASP C 182 9.65 33.68 -19.48
C ASP C 182 8.70 33.08 -18.46
N VAL C 183 9.10 33.08 -17.19
CA VAL C 183 8.24 32.61 -16.12
C VAL C 183 7.01 33.55 -16.04
N PRO C 184 5.80 33.02 -15.75
CA PRO C 184 4.61 33.85 -15.67
C PRO C 184 4.79 35.13 -14.89
N LYS C 185 4.22 36.23 -15.42
CA LYS C 185 4.31 37.52 -14.75
C LYS C 185 3.91 37.48 -13.27
N ASN C 186 2.83 36.78 -12.93
CA ASN C 186 2.38 36.80 -11.54
C ASN C 186 3.41 36.18 -10.57
N ILE C 187 4.19 35.25 -11.07
CA ILE C 187 5.26 34.64 -10.25
C ILE C 187 6.41 35.65 -10.09
N LEU C 188 6.69 36.41 -11.15
CA LEU C 188 7.71 37.46 -11.05
C LEU C 188 7.30 38.54 -10.05
N ASP C 189 6.01 38.81 -9.96
CA ASP C 189 5.54 39.98 -9.22
C ASP C 189 5.08 39.70 -7.79
N LYS C 190 4.77 38.45 -7.45
CA LYS C 190 4.21 38.17 -6.13
C LYS C 190 5.28 38.21 -5.03
N ALA C 191 4.85 38.33 -3.79
CA ALA C 191 5.78 38.36 -2.66
C ALA C 191 6.34 36.94 -2.41
N PRO C 192 7.67 36.80 -2.28
CA PRO C 192 8.26 35.54 -1.81
C PRO C 192 7.58 35.13 -0.51
N SER C 193 7.23 33.84 -0.39
CA SER C 193 6.35 33.40 0.69
C SER C 193 6.47 31.90 0.90
N ALA C 194 6.42 31.48 2.16
CA ALA C 194 6.43 30.04 2.49
C ALA C 194 5.03 29.43 2.27
N GLY C 195 4.02 30.30 2.15
CA GLY C 195 2.64 29.88 1.91
C GLY C 195 1.92 29.27 3.11
N LEU C 196 2.39 29.57 4.32
CA LEU C 196 1.82 28.98 5.55
C LEU C 196 0.49 29.61 5.96
N TRP C 197 0.30 30.89 5.62
CA TRP C 197 -1.00 31.55 5.73
C TRP C 197 -1.13 32.67 4.71
N GLN C 198 -2.37 33.09 4.43
CA GLN C 198 -2.61 34.15 3.46
C GLN C 198 -1.91 35.44 3.87
N GLY C 199 -1.10 35.99 2.96
CA GLY C 199 -0.39 37.24 3.23
C GLY C 199 0.90 37.08 4.02
N GLN C 200 1.30 35.83 4.29
CA GLN C 200 2.63 35.56 4.83
C GLN C 200 3.68 35.96 3.82
N THR C 201 4.69 36.72 4.24
CA THR C 201 5.79 37.03 3.34
C THR C 201 7.13 36.70 3.95
N ASP C 202 8.07 36.25 3.11
CA ASP C 202 9.41 35.96 3.61
C ASP C 202 9.98 37.19 4.35
N GLU C 203 9.81 38.36 3.75
CA GLU C 203 10.50 39.57 4.26
C GLU C 203 9.95 40.01 5.63
N ASP C 204 8.64 39.93 5.80
CA ASP C 204 8.02 40.16 7.11
C ASP C 204 8.57 39.18 8.14
N GLU C 205 8.58 37.90 7.79
CA GLU C 205 9.02 36.86 8.70
C GLU C 205 10.48 37.02 9.11
N MET C 206 11.36 37.35 8.15
CA MET C 206 12.77 37.53 8.46
C MET C 206 13.07 38.86 9.16
N GLY C 207 12.27 39.89 8.89
CA GLY C 207 12.57 41.25 9.36
C GLY C 207 13.70 41.93 8.59
N VAL C 208 14.13 41.34 7.48
CA VAL C 208 15.02 42.01 6.51
C VAL C 208 14.49 41.73 5.12
N THR C 209 14.83 42.59 4.16
CA THR C 209 14.39 42.41 2.79
C THR C 209 15.40 41.60 2.02
N TYR C 210 14.99 41.07 0.87
CA TYR C 210 15.91 40.30 0.05
C TYR C 210 17.00 41.18 -0.54
N GLN C 211 16.66 42.45 -0.81
CA GLN C 211 17.64 43.38 -1.31
C GLN C 211 18.74 43.61 -0.28
N GLU C 212 18.36 43.71 0.99
CA GLU C 212 19.34 43.78 2.11
C GLU C 212 20.24 42.54 2.20
N ILE C 213 19.62 41.35 2.17
CA ILE C 213 20.43 40.13 2.20
C ILE C 213 21.38 40.06 1.01
N ASP C 214 20.86 40.38 -0.19
CA ASP C 214 21.66 40.34 -1.40
C ASP C 214 22.82 41.33 -1.25
N ASP C 215 22.49 42.55 -0.85
CA ASP C 215 23.53 43.58 -0.67
C ASP C 215 24.56 43.11 0.38
N PHE C 216 24.09 42.58 1.50
CA PHE C 216 24.99 41.94 2.45
C PHE C 216 25.93 40.91 1.81
N LEU C 217 25.36 39.95 1.07
CA LEU C 217 26.21 38.95 0.42
C LEU C 217 27.22 39.54 -0.55
N ASP C 218 26.86 40.66 -1.16
CA ASP C 218 27.74 41.37 -2.10
C ASP C 218 28.77 42.26 -1.41
N GLY C 219 28.63 42.47 -0.10
CA GLY C 219 29.55 43.38 0.61
C GLY C 219 29.18 44.83 0.39
N LYS C 220 27.91 45.07 0.11
CA LYS C 220 27.38 46.42 -0.06
C LYS C 220 26.77 46.80 1.27
N GLN C 221 26.66 48.11 1.52
CA GLN C 221 26.13 48.65 2.78
C GLN C 221 24.73 48.13 3.15
N VAL C 222 24.57 47.72 4.39
CA VAL C 222 23.25 47.49 4.98
C VAL C 222 23.38 47.99 6.39
N SER C 223 22.27 48.41 6.97
CA SER C 223 22.27 48.96 8.30
C SER C 223 22.78 47.94 9.32
N ALA C 224 23.28 48.42 10.47
CA ALA C 224 23.64 47.53 11.59
C ALA C 224 22.44 46.66 11.99
N LYS C 225 21.23 47.22 11.93
CA LYS C 225 20.05 46.45 12.25
C LYS C 225 19.84 45.26 11.30
N ALA C 226 19.97 45.50 10.00
CA ALA C 226 19.81 44.43 9.03
C ALA C 226 20.91 43.38 9.26
N LEU C 227 22.14 43.83 9.47
CA LEU C 227 23.27 42.92 9.66
C LEU C 227 23.02 42.04 10.89
N GLU C 228 22.40 42.62 11.92
CA GLU C 228 22.12 41.88 13.15
C GLU C 228 21.06 40.80 12.92
N ARG C 229 20.03 41.15 12.15
CA ARG C 229 19.00 40.19 11.74
C ARG C 229 19.55 39.05 10.88
N ILE C 230 20.43 39.39 9.95
CA ILE C 230 21.12 38.40 9.12
C ILE C 230 22.04 37.51 9.98
N ASN C 231 22.87 38.13 10.84
CA ASN C 231 23.73 37.38 11.77
C ASN C 231 22.88 36.38 12.56
N PHE C 232 21.73 36.86 13.03
CA PHE C 232 20.87 36.05 13.88
C PHE C 232 20.39 34.77 13.18
N TRP C 233 19.81 34.94 11.99
CA TRP C 233 19.34 33.81 11.21
C TRP C 233 20.50 32.91 10.83
N HIS C 234 21.59 33.49 10.35
CA HIS C 234 22.72 32.70 9.93
C HIS C 234 23.35 31.91 11.09
N ASN C 235 23.65 32.60 12.20
CA ASN C 235 24.40 31.96 13.28
C ASN C 235 23.60 30.92 14.09
N ARG C 236 22.27 30.98 14.01
CA ARG C 236 21.44 29.95 14.63
C ARG C 236 21.18 28.74 13.73
N SER C 237 21.70 28.76 12.51
CA SER C 237 21.38 27.69 11.56
C SER C 237 22.60 26.94 11.00
N HIS C 238 23.73 26.99 11.72
CA HIS C 238 24.95 26.33 11.25
C HIS C 238 24.65 24.86 11.00
N HIS C 239 23.91 24.25 11.93
CA HIS C 239 23.65 22.82 11.85
C HIS C 239 22.76 22.42 10.65
N LYS C 240 21.91 23.32 10.17
CA LYS C 240 21.06 23.06 8.99
C LYS C 240 21.86 22.93 7.70
N ARG C 241 23.04 23.53 7.67
CA ARG C 241 23.83 23.56 6.46
C ARG C 241 24.90 22.49 6.45
N LYS C 242 25.09 21.82 7.58
CA LYS C 242 26.15 20.83 7.72
C LYS C 242 25.61 19.44 7.93
N LEU C 243 26.48 18.46 7.75
CA LEU C 243 26.17 17.07 8.02
C LEU C 243 25.99 16.91 9.55
N ALA C 244 25.35 15.83 9.96
CA ALA C 244 25.19 15.53 11.38
C ALA C 244 26.54 15.45 12.08
N LEU C 245 26.56 15.79 13.37
CA LEU C 245 27.78 15.72 14.20
C LEU C 245 28.21 14.29 14.41
N THR C 246 29.51 14.05 14.28
CA THR C 246 30.09 12.71 14.45
C THR C 246 31.32 12.78 15.34
N PRO C 247 31.59 11.70 16.10
CA PRO C 247 32.75 11.75 16.99
C PRO C 247 34.04 11.82 16.17
N ASN C 248 35.07 12.44 16.74
CA ASN C 248 36.40 12.42 16.13
C ASN C 248 37.27 11.41 16.89
N PHE C 249 36.68 10.24 17.15
CA PHE C 249 37.36 9.11 17.79
C PHE C 249 36.51 7.86 17.61
N ASP D 6 42.23 -0.54 19.64
CA ASP D 6 42.31 -0.18 21.11
C ASP D 6 40.92 0.06 21.70
N PHE D 7 39.90 -0.48 21.04
CA PHE D 7 38.54 -0.39 21.54
C PHE D 7 38.37 -1.18 22.83
N SER D 8 37.89 -0.51 23.88
CA SER D 8 37.33 -1.23 25.01
C SER D 8 35.99 -0.59 25.36
N PRO D 9 34.97 -1.43 25.61
CA PRO D 9 33.60 -0.99 25.94
C PRO D 9 33.53 0.09 27.00
N LYS D 10 34.17 -0.14 28.14
CA LYS D 10 34.03 0.78 29.26
C LYS D 10 34.57 2.16 28.92
N GLU D 11 35.75 2.21 28.33
CA GLU D 11 36.39 3.48 28.01
C GLU D 11 35.64 4.22 26.92
N TYR D 12 35.29 3.50 25.84
CA TYR D 12 34.66 4.11 24.70
C TYR D 12 33.26 4.60 25.07
N SER D 13 32.54 3.78 25.85
CA SER D 13 31.26 4.17 26.38
C SER D 13 31.34 5.53 27.09
N GLN D 14 32.31 5.67 27.99
CA GLN D 14 32.43 6.93 28.74
C GLN D 14 32.76 8.09 27.83
N LYS D 15 33.64 7.87 26.85
CA LYS D 15 33.98 8.90 25.87
C LYS D 15 32.74 9.35 25.09
N LEU D 16 31.93 8.39 24.68
CA LEU D 16 30.76 8.69 23.88
C LEU D 16 29.74 9.45 24.71
N VAL D 17 29.57 9.02 25.96
CA VAL D 17 28.69 9.71 26.92
C VAL D 17 29.12 11.16 27.09
N ASN D 18 30.41 11.38 27.28
CA ASN D 18 30.93 12.72 27.47
C ASN D 18 30.71 13.58 26.23
N TRP D 19 30.89 12.97 25.05
CA TRP D 19 30.81 13.67 23.78
C TRP D 19 29.35 14.03 23.48
N LEU D 20 28.45 13.10 23.75
CA LEU D 20 27.02 13.34 23.58
C LEU D 20 26.61 14.49 24.47
N SER D 21 27.06 14.46 25.72
CA SER D 21 26.73 15.55 26.65
C SER D 21 27.27 16.92 26.20
N ASP D 22 28.57 16.98 25.89
CA ASP D 22 29.15 18.23 25.43
C ASP D 22 28.52 18.71 24.12
N SER D 23 28.32 17.78 23.19
CA SER D 23 27.75 18.16 21.89
C SER D 23 26.36 18.74 22.07
N CYS D 24 25.60 18.17 23.00
CA CYS D 24 24.24 18.64 23.31
C CYS D 24 24.28 20.03 23.94
N MET D 25 25.11 20.19 24.96
CA MET D 25 25.21 21.48 25.64
C MET D 25 25.64 22.59 24.69
N ASN D 26 26.60 22.28 23.83
CA ASN D 26 27.09 23.30 22.89
C ASN D 26 26.22 23.48 21.65
N TYR D 27 25.21 22.64 21.49
CA TYR D 27 24.40 22.67 20.27
C TYR D 27 23.77 24.05 19.97
N PRO D 28 23.04 24.65 20.93
CA PRO D 28 22.63 24.15 22.27
C PRO D 28 21.24 23.50 22.27
N ALA D 29 21.02 22.54 23.16
CA ALA D 29 19.73 21.84 23.32
C ALA D 29 19.65 21.28 24.74
N GLU D 30 18.48 20.82 25.17
CA GLU D 30 18.29 20.36 26.54
C GLU D 30 18.56 18.88 26.71
N GLY D 31 18.55 18.14 25.61
CA GLY D 31 18.59 16.67 25.71
C GLY D 31 18.33 16.03 24.35
N PHE D 32 17.85 14.79 24.39
CA PHE D 32 17.84 13.93 23.23
C PHE D 32 16.47 13.32 22.99
N VAL D 33 16.19 12.97 21.72
CA VAL D 33 15.08 12.04 21.40
C VAL D 33 15.67 10.98 20.45
N ILE D 34 15.15 9.76 20.54
CA ILE D 34 15.63 8.63 19.72
C ILE D 34 14.48 7.71 19.37
N GLY D 35 14.49 7.15 18.15
CA GLY D 35 13.55 6.11 17.79
C GLY D 35 14.11 4.75 18.19
N LEU D 36 13.31 4.00 18.97
CA LEU D 36 13.68 2.67 19.43
C LEU D 36 12.97 1.57 18.64
N SER D 37 13.75 0.85 17.83
CA SER D 37 13.19 -0.20 16.98
C SER D 37 13.11 -1.57 17.66
N GLY D 38 13.79 -1.73 18.80
CA GLY D 38 13.99 -3.04 19.39
C GLY D 38 15.27 -3.72 18.91
N GLY D 39 16.00 -3.03 18.02
CA GLY D 39 17.30 -3.53 17.55
C GLY D 39 18.45 -3.01 18.43
N ILE D 40 19.65 -3.50 18.14
CA ILE D 40 20.84 -3.20 18.94
C ILE D 40 21.38 -1.77 18.81
N ASP D 41 21.30 -1.18 17.62
CA ASP D 41 21.92 0.15 17.40
C ASP D 41 21.18 1.19 18.22
N SER D 42 19.86 1.17 18.10
CA SER D 42 19.07 2.16 18.84
C SER D 42 19.09 1.88 20.35
N ALA D 43 19.14 0.60 20.75
CA ALA D 43 19.23 0.29 22.18
C ALA D 43 20.51 0.82 22.79
N VAL D 44 21.62 0.61 22.07
CA VAL D 44 22.89 1.13 22.51
C VAL D 44 22.88 2.67 22.56
N ALA D 45 22.40 3.31 21.49
CA ALA D 45 22.43 4.78 21.43
C ALA D 45 21.57 5.39 22.54
N ALA D 46 20.38 4.83 22.77
CA ALA D 46 19.51 5.29 23.87
C ALA D 46 20.16 5.06 25.26
N SER D 47 20.80 3.92 25.43
CA SER D 47 21.48 3.62 26.70
C SER D 47 22.55 4.67 27.01
N LEU D 48 23.34 5.04 25.98
CA LEU D 48 24.43 6.02 26.12
C LEU D 48 23.87 7.40 26.39
N ALA D 49 22.78 7.75 25.69
CA ALA D 49 22.12 9.03 25.93
C ALA D 49 21.60 9.15 27.38
N VAL D 50 20.98 8.10 27.91
CA VAL D 50 20.49 8.25 29.31
C VAL D 50 21.62 8.39 30.33
N LYS D 51 22.75 7.75 30.07
CA LYS D 51 23.94 7.90 30.90
C LYS D 51 24.49 9.33 30.98
N THR D 52 24.21 10.19 30.00
CA THR D 52 24.63 11.61 30.10
C THR D 52 23.93 12.35 31.24
N GLY D 53 22.79 11.83 31.70
CA GLY D 53 21.99 12.54 32.72
C GLY D 53 21.08 13.63 32.17
N LEU D 54 21.18 13.92 30.86
CA LEU D 54 20.28 14.89 30.21
C LEU D 54 18.95 14.21 29.87
N PRO D 55 17.84 15.00 29.82
CA PRO D 55 16.51 14.43 29.46
C PRO D 55 16.56 13.71 28.12
N THR D 56 16.08 12.47 28.09
CA THR D 56 16.14 11.62 26.93
C THR D 56 14.74 11.01 26.76
N THR D 57 14.18 11.10 25.55
CA THR D 57 12.88 10.49 25.29
C THR D 57 13.00 9.48 24.15
N ALA D 58 12.28 8.36 24.28
CA ALA D 58 12.28 7.35 23.24
C ALA D 58 10.92 7.29 22.56
N LEU D 59 10.93 7.22 21.22
CA LEU D 59 9.71 6.97 20.48
C LEU D 59 9.72 5.58 19.88
N ILE D 60 8.65 4.85 20.14
CA ILE D 60 8.44 3.59 19.46
C ILE D 60 7.41 3.86 18.38
N LEU D 61 7.77 3.50 17.13
CA LEU D 61 6.99 3.93 15.98
C LEU D 61 6.66 2.80 15.01
N PRO D 62 5.84 1.82 15.48
CA PRO D 62 5.51 0.68 14.64
C PRO D 62 4.60 0.98 13.45
N SER D 63 4.83 0.24 12.38
CA SER D 63 3.86 0.15 11.32
C SER D 63 3.24 -1.25 11.48
N ASP D 64 2.24 -1.59 10.67
CA ASP D 64 1.65 -2.93 10.74
C ASP D 64 2.61 -4.02 10.28
N ASN D 65 3.64 -3.64 9.53
CA ASN D 65 4.66 -4.60 9.08
C ASN D 65 5.62 -5.06 10.16
N ASN D 66 5.72 -4.28 11.23
CA ASN D 66 6.62 -4.61 12.35
C ASN D 66 6.15 -5.76 13.24
N GLN D 67 7.10 -6.55 13.71
CA GLN D 67 6.83 -7.61 14.69
C GLN D 67 6.54 -7.04 16.08
N HIS D 68 5.58 -7.63 16.77
CA HIS D 68 5.24 -7.17 18.10
C HIS D 68 6.40 -7.33 19.08
N GLN D 69 7.24 -8.33 18.85
CA GLN D 69 8.35 -8.61 19.77
C GLN D 69 9.39 -7.47 19.80
N ASP D 70 9.56 -6.81 18.67
CA ASP D 70 10.52 -5.70 18.63
C ASP D 70 9.98 -4.50 19.39
N MET D 71 8.66 -4.27 19.31
CA MET D 71 8.01 -3.27 20.14
C MET D 71 8.17 -3.61 21.63
N GLN D 72 7.95 -4.90 21.95
CA GLN D 72 8.07 -5.36 23.34
C GLN D 72 9.47 -5.23 23.89
N ASP D 73 10.48 -5.65 23.12
CA ASP D 73 11.88 -5.47 23.50
C ASP D 73 12.24 -4.00 23.72
N ALA D 74 11.80 -3.14 22.81
CA ALA D 74 12.00 -1.70 22.98
C ALA D 74 11.38 -1.20 24.29
N LEU D 75 10.17 -1.64 24.54
CA LEU D 75 9.46 -1.21 25.75
C LEU D 75 10.18 -1.72 26.99
N GLU D 76 10.67 -2.97 26.90
CA GLU D 76 11.42 -3.54 28.00
C GLU D 76 12.61 -2.66 28.37
N LEU D 77 13.40 -2.28 27.36
CA LEU D 77 14.55 -1.37 27.57
C LEU D 77 14.18 -0.01 28.14
N ILE D 78 13.14 0.59 27.56
CA ILE D 78 12.57 1.84 28.08
C ILE D 78 12.22 1.72 29.58
N GLU D 79 11.58 0.62 29.96
CA GLU D 79 11.12 0.39 31.36
C GLU D 79 12.33 0.28 32.26
N MET D 80 13.32 -0.47 31.80
CA MET D 80 14.53 -0.67 32.56
C MET D 80 15.34 0.63 32.72
N LEU D 81 15.30 1.49 31.70
CA LEU D 81 16.03 2.78 31.71
C LEU D 81 15.23 3.92 32.36
N ASN D 82 13.94 3.68 32.57
CA ASN D 82 13.02 4.63 33.22
C ASN D 82 12.99 5.97 32.51
N ILE D 83 12.82 5.92 31.19
CA ILE D 83 12.77 7.16 30.43
C ILE D 83 11.38 7.42 29.88
N GLU D 84 11.13 8.70 29.62
CA GLU D 84 9.92 9.17 28.97
C GLU D 84 9.85 8.55 27.57
N HIS D 85 8.66 8.14 27.17
CA HIS D 85 8.50 7.40 25.92
C HIS D 85 7.07 7.50 25.43
N TYR D 86 6.89 7.28 24.13
CA TYR D 86 5.59 7.25 23.49
C TYR D 86 5.64 6.17 22.45
N THR D 87 4.56 5.41 22.36
CA THR D 87 4.40 4.42 21.33
C THR D 87 3.28 4.92 20.43
N ILE D 88 3.63 5.18 19.18
CA ILE D 88 2.68 5.74 18.22
C ILE D 88 2.70 4.92 16.92
N SER D 89 1.59 4.31 16.54
CA SER D 89 1.53 3.64 15.23
C SER D 89 1.65 4.70 14.12
N ILE D 90 2.55 4.46 13.18
CA ILE D 90 2.70 5.33 12.03
C ILE D 90 1.74 4.89 10.92
N GLN D 91 0.96 3.83 11.17
CA GLN D 91 0.14 3.25 10.11
C GLN D 91 -0.93 4.22 9.52
N PRO D 92 -1.70 4.96 10.36
CA PRO D 92 -2.66 5.95 9.80
C PRO D 92 -2.02 6.98 8.88
N ALA D 93 -0.89 7.58 9.29
CA ALA D 93 -0.21 8.57 8.45
C ALA D 93 0.37 7.90 7.21
N TYR D 94 0.92 6.70 7.41
CA TYR D 94 1.45 5.96 6.24
C TYR D 94 0.36 5.64 5.20
N GLU D 95 -0.78 5.11 5.67
CA GLU D 95 -1.91 4.77 4.80
C GLU D 95 -2.39 6.01 4.02
N ALA D 96 -2.49 7.15 4.70
CA ALA D 96 -2.93 8.38 4.02
C ALA D 96 -1.93 8.80 2.96
N PHE D 97 -0.63 8.72 3.33
CA PHE D 97 0.41 9.11 2.39
C PHE D 97 0.34 8.22 1.15
N LEU D 98 0.43 6.91 1.37
CA LEU D 98 0.45 5.96 0.27
C LEU D 98 -0.75 6.14 -0.66
N ALA D 99 -1.97 6.19 -0.10
CA ALA D 99 -3.18 6.33 -0.92
C ALA D 99 -3.05 7.57 -1.83
N SER D 100 -2.53 8.66 -1.25
CA SER D 100 -2.38 9.94 -1.98
C SER D 100 -1.33 9.91 -3.09
N THR D 101 -0.44 8.92 -3.10
CA THR D 101 0.54 8.83 -4.21
C THR D 101 0.01 8.07 -5.44
N GLN D 102 -1.26 7.67 -5.36
CA GLN D 102 -1.85 6.77 -6.36
C GLN D 102 -1.80 7.26 -7.78
N SER D 103 -1.88 8.59 -7.99
CA SER D 103 -1.86 9.13 -9.35
C SER D 103 -0.55 8.84 -10.06
N PHE D 104 0.55 8.63 -9.33
CA PHE D 104 1.83 8.36 -10.00
C PHE D 104 2.50 6.99 -9.83
N THR D 105 1.82 6.01 -9.25
CA THR D 105 2.42 4.67 -9.06
C THR D 105 2.71 3.89 -10.35
N GLN D 112 8.47 -1.03 -4.93
CA GLN D 112 7.31 -0.84 -4.09
C GLN D 112 7.66 -1.04 -2.62
N LEU D 113 8.29 -2.18 -2.33
CA LEU D 113 8.64 -2.54 -0.96
C LEU D 113 9.67 -1.58 -0.40
N VAL D 114 10.71 -1.36 -1.21
CA VAL D 114 11.77 -0.42 -0.86
C VAL D 114 11.18 1.00 -0.77
N ILE D 115 10.27 1.34 -1.68
CA ILE D 115 9.58 2.63 -1.60
C ILE D 115 8.77 2.78 -0.30
N LYS D 116 8.04 1.71 0.07
CA LYS D 116 7.27 1.68 1.31
C LYS D 116 8.19 1.84 2.54
N GLY D 117 9.30 1.11 2.53
CA GLY D 117 10.25 1.13 3.65
C GLY D 117 10.82 2.53 3.79
N ASN D 118 11.12 3.17 2.67
CA ASN D 118 11.73 4.51 2.74
C ASN D 118 10.70 5.55 3.25
N ALA D 119 9.45 5.41 2.81
CA ALA D 119 8.37 6.30 3.26
C ALA D 119 8.20 6.19 4.77
N GLN D 120 8.23 4.96 5.26
CA GLN D 120 8.07 4.70 6.69
C GLN D 120 9.22 5.25 7.49
N ALA D 121 10.44 5.10 6.97
CA ALA D 121 11.59 5.66 7.61
C ALA D 121 11.50 7.18 7.67
N ARG D 122 11.01 7.81 6.60
CA ARG D 122 10.89 9.27 6.63
C ARG D 122 9.80 9.73 7.57
N LEU D 123 8.71 8.97 7.65
CA LEU D 123 7.69 9.29 8.65
C LEU D 123 8.26 9.29 10.08
N ARG D 124 9.07 8.27 10.40
CA ARG D 124 9.73 8.24 11.71
C ARG D 124 10.61 9.48 11.94
N MET D 125 11.39 9.88 10.94
CA MET D 125 12.15 11.16 10.99
C MET D 125 11.22 12.35 11.38
N MET D 126 10.05 12.42 10.76
CA MET D 126 9.07 13.47 11.05
C MET D 126 8.62 13.47 12.52
N TYR D 127 8.29 12.29 13.05
CA TYR D 127 7.89 12.18 14.49
C TYR D 127 8.99 12.67 15.40
N LEU D 128 10.19 12.21 15.11
CA LEU D 128 11.35 12.55 15.94
C LEU D 128 11.61 14.05 15.94
N TYR D 129 11.61 14.67 14.75
CA TYR D 129 11.78 16.10 14.63
C TYR D 129 10.59 16.92 15.18
N ALA D 130 9.39 16.36 15.08
CA ALA D 130 8.25 17.02 15.70
C ALA D 130 8.47 17.06 17.22
N TYR D 131 8.88 15.91 17.80
CA TYR D 131 9.13 15.89 19.24
C TYR D 131 10.29 16.84 19.59
N ALA D 132 11.40 16.72 18.85
CA ALA D 132 12.63 17.48 19.16
C ALA D 132 12.39 19.00 19.20
N GLN D 133 11.65 19.49 18.23
CA GLN D 133 11.36 20.92 18.14
C GLN D 133 10.42 21.36 19.25
N GLN D 134 9.46 20.51 19.61
CA GLN D 134 8.57 20.89 20.71
C GLN D 134 9.29 20.96 22.07
N TYR D 135 10.31 20.12 22.27
CA TYR D 135 10.97 19.99 23.57
C TYR D 135 12.46 20.38 23.56
N ASN D 136 12.86 21.09 22.51
CA ASN D 136 14.26 21.55 22.36
C ASN D 136 15.26 20.39 22.57
N ARG D 137 14.99 19.26 21.91
CA ARG D 137 15.93 18.13 21.89
C ARG D 137 16.70 18.08 20.58
N ILE D 138 17.79 17.32 20.58
CA ILE D 138 18.39 16.95 19.29
C ILE D 138 18.13 15.48 19.03
N VAL D 139 18.00 15.15 17.75
CA VAL D 139 17.64 13.79 17.31
C VAL D 139 18.91 12.94 17.16
N ILE D 140 18.99 11.86 17.91
CA ILE D 140 20.12 10.93 17.79
C ILE D 140 19.89 9.94 16.67
N GLY D 141 20.78 9.96 15.69
CA GLY D 141 20.79 8.94 14.64
C GLY D 141 21.63 7.75 15.08
N THR D 142 21.24 6.55 14.66
CA THR D 142 21.83 5.32 15.22
C THR D 142 22.74 4.62 14.22
N ASP D 143 22.96 5.25 13.04
CA ASP D 143 23.80 4.62 12.00
C ASP D 143 25.18 4.23 12.56
N ASN D 144 25.57 2.98 12.30
CA ASN D 144 26.92 2.53 12.64
C ASN D 144 27.77 2.59 11.36
N ALA D 145 29.05 2.27 11.50
CA ALA D 145 29.99 2.42 10.37
C ALA D 145 29.67 1.49 9.21
N CYS D 146 29.11 0.33 9.54
CA CYS D 146 28.69 -0.65 8.53
C CYS D 146 27.54 -0.12 7.70
N GLU D 147 26.50 0.33 8.41
CA GLU D 147 25.32 0.88 7.76
C GLU D 147 25.70 2.09 6.92
N TRP D 148 26.54 2.95 7.48
CA TRP D 148 26.95 4.15 6.77
C TRP D 148 27.70 3.78 5.47
N TYR D 149 28.71 2.91 5.58
CA TYR D 149 29.50 2.54 4.39
C TYR D 149 28.66 1.85 3.30
N MET D 150 27.73 0.99 3.74
CA MET D 150 26.87 0.24 2.81
C MET D 150 25.74 1.12 2.22
N GLY D 151 25.56 2.29 2.80
CA GLY D 151 24.37 3.09 2.55
C GLY D 151 23.07 2.36 2.89
N TYR D 152 23.10 1.45 3.89
CA TYR D 152 21.87 0.74 4.30
C TYR D 152 21.13 1.61 5.31
N PHE D 153 20.56 2.69 4.78
CA PHE D 153 19.75 3.64 5.50
C PHE D 153 18.95 4.44 4.49
N THR D 154 17.87 5.06 4.96
CA THR D 154 17.01 5.83 4.04
C THR D 154 17.50 7.26 4.10
N LYS D 155 17.80 7.81 2.93
CA LYS D 155 18.17 9.22 2.81
C LYS D 155 17.02 10.08 3.32
N PHE D 156 17.31 10.95 4.29
CA PHE D 156 16.27 11.78 4.94
C PHE D 156 15.25 10.98 5.77
N GLY D 157 15.58 9.71 6.03
CA GLY D 157 14.83 8.82 6.93
C GLY D 157 15.68 8.58 8.18
N ASP D 158 16.05 7.34 8.44
CA ASP D 158 16.97 7.04 9.55
C ASP D 158 18.36 7.61 9.31
N GLY D 159 18.67 7.96 8.06
CA GLY D 159 19.98 8.61 7.76
C GLY D 159 20.01 10.09 8.16
N ALA D 160 18.87 10.62 8.57
CA ALA D 160 18.71 12.04 8.86
C ALA D 160 18.66 12.22 10.36
N ALA D 161 19.66 12.89 10.92
CA ALA D 161 19.67 13.09 12.34
C ALA D 161 20.54 14.30 12.66
N ASP D 162 20.55 14.72 13.93
CA ASP D 162 21.41 15.84 14.34
C ASP D 162 22.81 15.37 14.78
N ILE D 163 22.87 14.16 15.29
CA ILE D 163 24.10 13.63 15.92
C ILE D 163 24.16 12.12 15.74
N LEU D 164 25.35 11.60 15.44
CA LEU D 164 25.52 10.20 15.09
C LEU D 164 26.62 9.53 15.96
N PRO D 165 26.28 9.14 17.19
CA PRO D 165 27.30 8.61 18.11
C PRO D 165 27.97 7.29 17.66
N LEU D 166 27.28 6.46 16.90
CA LEU D 166 27.77 5.11 16.58
C LEU D 166 28.45 5.01 15.21
N VAL D 167 28.50 6.12 14.48
CA VAL D 167 28.83 6.06 13.06
C VAL D 167 30.29 5.62 12.76
N ASN D 168 31.18 5.69 13.74
CA ASN D 168 32.55 5.18 13.56
C ASN D 168 32.71 3.75 14.06
N LEU D 169 31.62 3.13 14.52
CA LEU D 169 31.72 1.81 15.11
C LEU D 169 31.36 0.66 14.18
N LYS D 170 32.18 -0.40 14.27
CA LYS D 170 31.88 -1.68 13.66
C LYS D 170 30.69 -2.31 14.35
N LYS D 171 29.98 -3.19 13.64
CA LYS D 171 28.80 -3.85 14.22
C LYS D 171 29.22 -4.63 15.48
N SER D 172 30.34 -5.35 15.41
CA SER D 172 30.83 -6.09 16.58
C SER D 172 31.07 -5.18 17.78
N GLN D 173 31.54 -3.95 17.53
CA GLN D 173 31.75 -2.99 18.62
C GLN D 173 30.44 -2.45 19.23
N VAL D 174 29.43 -2.26 18.38
CA VAL D 174 28.09 -1.92 18.88
C VAL D 174 27.59 -3.04 19.80
N PHE D 175 27.74 -4.29 19.36
CA PHE D 175 27.34 -5.42 20.22
C PHE D 175 28.12 -5.44 21.52
N GLU D 176 29.41 -5.12 21.49
CA GLU D 176 30.20 -5.08 22.73
C GLU D 176 29.69 -4.04 23.70
N LEU D 177 29.36 -2.86 23.17
CA LEU D 177 28.73 -1.83 23.96
C LEU D 177 27.38 -2.28 24.54
N GLY D 178 26.58 -2.94 23.72
CA GLY D 178 25.29 -3.49 24.16
C GLY D 178 25.43 -4.42 25.36
N LYS D 179 26.45 -5.28 25.30
CA LYS D 179 26.70 -6.24 26.35
C LYS D 179 27.15 -5.51 27.61
N TYR D 180 28.09 -4.59 27.46
CA TYR D 180 28.57 -3.75 28.53
C TYR D 180 27.47 -2.92 29.19
N LEU D 181 26.53 -2.43 28.38
CA LEU D 181 25.43 -1.59 28.86
C LEU D 181 24.18 -2.36 29.38
N ASP D 182 24.30 -3.68 29.46
CA ASP D 182 23.23 -4.56 29.95
C ASP D 182 21.91 -4.49 29.17
N VAL D 183 21.99 -4.25 27.86
CA VAL D 183 20.84 -4.31 27.00
C VAL D 183 20.17 -5.68 27.15
N PRO D 184 18.83 -5.75 27.18
CA PRO D 184 18.17 -7.07 27.31
C PRO D 184 18.68 -8.12 26.30
N LYS D 185 18.81 -9.33 26.80
CA LYS D 185 19.41 -10.44 26.06
C LYS D 185 18.83 -10.63 24.66
N ASN D 186 17.51 -10.56 24.50
CA ASN D 186 16.92 -10.80 23.16
C ASN D 186 17.38 -9.78 22.13
N ILE D 187 17.70 -8.58 22.60
CA ILE D 187 18.17 -7.53 21.67
C ILE D 187 19.61 -7.88 21.28
N LEU D 188 20.40 -8.30 22.26
CA LEU D 188 21.77 -8.77 21.97
C LEU D 188 21.81 -9.94 20.98
N ASP D 189 20.85 -10.84 21.11
CA ASP D 189 20.90 -12.12 20.39
C ASP D 189 20.19 -12.12 19.05
N LYS D 190 19.31 -11.14 18.78
CA LYS D 190 18.44 -11.23 17.60
C LYS D 190 19.17 -10.80 16.33
N ALA D 191 18.63 -11.19 15.18
CA ALA D 191 19.24 -10.82 13.89
C ALA D 191 18.99 -9.34 13.61
N PRO D 192 20.07 -8.57 13.30
CA PRO D 192 19.89 -7.21 12.79
C PRO D 192 18.92 -7.19 11.61
N SER D 193 17.97 -6.25 11.65
CA SER D 193 16.86 -6.28 10.70
C SER D 193 16.23 -4.90 10.56
N ALA D 194 15.80 -4.58 9.34
CA ALA D 194 15.09 -3.32 9.06
C ALA D 194 13.63 -3.43 9.53
N GLY D 195 13.20 -4.67 9.79
CA GLY D 195 11.86 -4.95 10.33
C GLY D 195 10.70 -4.80 9.35
N LEU D 196 11.00 -4.84 8.06
CA LEU D 196 10.03 -4.60 7.00
C LEU D 196 9.09 -5.81 6.78
N TRP D 197 9.57 -7.00 7.12
CA TRP D 197 8.75 -8.22 7.11
C TRP D 197 9.33 -9.28 8.05
N GLN D 198 8.52 -10.26 8.43
CA GLN D 198 8.99 -11.23 9.41
C GLN D 198 10.11 -12.08 8.79
N GLY D 199 11.23 -12.14 9.50
CA GLY D 199 12.37 -12.92 9.06
C GLY D 199 13.36 -12.19 8.17
N GLN D 200 13.06 -10.93 7.81
CA GLN D 200 14.01 -10.09 7.05
C GLN D 200 15.24 -9.95 7.92
N THR D 201 16.44 -10.10 7.33
CA THR D 201 17.67 -9.80 8.07
C THR D 201 18.58 -8.95 7.19
N ASP D 202 19.35 -8.06 7.83
CA ASP D 202 20.26 -7.18 7.09
C ASP D 202 21.23 -8.03 6.28
N GLU D 203 21.73 -9.11 6.88
CA GLU D 203 22.79 -9.90 6.21
C GLU D 203 22.26 -10.62 4.97
N ASP D 204 21.00 -11.12 5.03
CA ASP D 204 20.33 -11.64 3.82
C ASP D 204 20.11 -10.54 2.76
N GLU D 205 19.73 -9.35 3.18
CA GLU D 205 19.49 -8.24 2.23
C GLU D 205 20.77 -7.81 1.56
N MET D 206 21.84 -7.69 2.35
CA MET D 206 23.09 -7.18 1.84
C MET D 206 23.86 -8.22 1.04
N GLY D 207 23.58 -9.51 1.29
CA GLY D 207 24.31 -10.62 0.65
C GLY D 207 25.74 -10.72 1.18
N VAL D 208 25.96 -10.13 2.36
CA VAL D 208 27.27 -10.14 3.02
C VAL D 208 27.03 -10.02 4.53
N THR D 209 27.92 -10.57 5.35
CA THR D 209 27.72 -10.58 6.79
C THR D 209 28.36 -9.37 7.45
N TYR D 210 27.92 -9.06 8.67
CA TYR D 210 28.53 -7.97 9.41
C TYR D 210 29.99 -8.24 9.71
N GLN D 211 30.35 -9.51 9.94
CA GLN D 211 31.77 -9.81 10.21
C GLN D 211 32.62 -9.44 9.00
N GLU D 212 32.13 -9.76 7.80
CA GLU D 212 32.86 -9.44 6.58
C GLU D 212 32.94 -7.92 6.37
N ILE D 213 31.83 -7.20 6.56
CA ILE D 213 31.87 -5.73 6.43
C ILE D 213 32.84 -5.13 7.45
N ASP D 214 32.78 -5.59 8.71
CA ASP D 214 33.70 -5.14 9.75
C ASP D 214 35.16 -5.35 9.32
N ASP D 215 35.43 -6.56 8.83
CA ASP D 215 36.79 -6.91 8.39
C ASP D 215 37.25 -5.97 7.29
N PHE D 216 36.36 -5.76 6.31
CA PHE D 216 36.63 -4.82 5.20
C PHE D 216 36.97 -3.42 5.73
N LEU D 217 36.15 -2.90 6.66
CA LEU D 217 36.40 -1.57 7.24
C LEU D 217 37.74 -1.53 7.97
N ASP D 218 38.12 -2.65 8.58
CA ASP D 218 39.43 -2.77 9.26
C ASP D 218 40.63 -2.90 8.30
N GLY D 219 40.39 -3.05 7.01
CA GLY D 219 41.49 -3.34 6.07
C GLY D 219 41.98 -4.77 6.21
N LYS D 220 41.04 -5.70 6.30
CA LYS D 220 41.36 -7.12 6.33
C LYS D 220 40.78 -7.84 5.12
N GLN D 221 41.32 -9.01 4.80
CA GLN D 221 40.88 -9.67 3.61
C GLN D 221 39.43 -10.16 3.77
N VAL D 222 38.66 -10.07 2.69
CA VAL D 222 37.32 -10.67 2.65
C VAL D 222 37.18 -11.47 1.36
N SER D 223 36.12 -12.27 1.26
CA SER D 223 35.91 -13.11 0.11
C SER D 223 35.58 -12.27 -1.14
N ALA D 224 35.72 -12.88 -2.31
CA ALA D 224 35.41 -12.20 -3.57
C ALA D 224 33.94 -11.82 -3.59
N LYS D 225 33.11 -12.70 -3.05
CA LYS D 225 31.67 -12.46 -2.97
C LYS D 225 31.35 -11.25 -2.07
N ALA D 226 31.93 -11.24 -0.87
CA ALA D 226 31.80 -10.09 0.05
C ALA D 226 32.27 -8.79 -0.55
N LEU D 227 33.43 -8.83 -1.21
CA LEU D 227 33.99 -7.60 -1.75
C LEU D 227 33.07 -7.03 -2.81
N GLU D 228 32.57 -7.91 -3.67
CA GLU D 228 31.69 -7.49 -4.74
C GLU D 228 30.45 -6.78 -4.16
N ARG D 229 29.85 -7.37 -3.13
CA ARG D 229 28.63 -6.80 -2.49
C ARG D 229 28.89 -5.47 -1.82
N ILE D 230 29.96 -5.44 -1.03
CA ILE D 230 30.33 -4.22 -0.34
C ILE D 230 30.60 -3.09 -1.33
N ASN D 231 31.39 -3.36 -2.35
CA ASN D 231 31.66 -2.32 -3.39
C ASN D 231 30.37 -1.85 -4.09
N PHE D 232 29.51 -2.81 -4.43
CA PHE D 232 28.26 -2.51 -5.13
C PHE D 232 27.34 -1.62 -4.29
N TRP D 233 27.16 -1.97 -3.02
CA TRP D 233 26.33 -1.17 -2.09
C TRP D 233 26.92 0.21 -1.86
N HIS D 234 28.22 0.27 -1.58
CA HIS D 234 28.88 1.54 -1.33
C HIS D 234 28.79 2.44 -2.57
N ASN D 235 29.03 1.86 -3.75
CA ASN D 235 29.04 2.62 -5.01
C ASN D 235 27.71 3.27 -5.32
N ARG D 236 26.63 2.52 -5.12
CA ARG D 236 25.29 2.99 -5.44
C ARG D 236 24.77 4.02 -4.43
N SER D 237 25.48 4.18 -3.32
CA SER D 237 25.04 5.09 -2.26
C SER D 237 25.90 6.35 -2.00
N HIS D 238 26.82 6.70 -2.90
CA HIS D 238 27.73 7.85 -2.70
C HIS D 238 27.02 9.14 -2.31
N HIS D 239 25.93 9.43 -3.04
CA HIS D 239 25.18 10.67 -2.80
C HIS D 239 24.35 10.64 -1.51
N LYS D 240 24.11 9.44 -0.98
CA LYS D 240 23.38 9.30 0.29
C LYS D 240 24.09 9.89 1.48
N ARG D 241 25.42 9.90 1.43
CA ARG D 241 26.20 10.27 2.59
C ARG D 241 26.54 11.75 2.64
N LYS D 242 26.62 12.38 1.48
CA LYS D 242 27.13 13.76 1.31
C LYS D 242 25.99 14.74 1.19
N LEU D 243 26.31 16.03 1.31
CA LEU D 243 25.32 17.11 1.08
C LEU D 243 24.95 17.16 -0.40
N ALA D 244 23.85 17.83 -0.73
CA ALA D 244 23.41 17.99 -2.12
C ALA D 244 24.49 18.59 -3.04
N LEU D 245 24.47 18.19 -4.31
CA LEU D 245 25.41 18.72 -5.30
C LEU D 245 25.12 20.21 -5.53
N THR D 246 26.16 21.01 -5.62
CA THR D 246 25.98 22.44 -5.85
C THR D 246 26.93 22.88 -6.96
N PRO D 247 26.56 23.94 -7.72
CA PRO D 247 27.47 24.37 -8.79
C PRO D 247 28.73 25.00 -8.19
N ASN D 248 29.83 24.89 -8.93
CA ASN D 248 31.08 25.57 -8.61
C ASN D 248 31.22 26.96 -9.27
N PHE D 249 30.12 27.52 -9.77
CA PHE D 249 30.19 28.77 -10.54
C PHE D 249 28.97 29.68 -10.28
MG MG E . -21.01 0.09 -12.50
MG MG F . -25.61 0.39 -12.11
P AMP G . -23.30 -1.25 -10.32
O1P AMP G . -21.92 -0.74 -10.66
O2P AMP G . -23.42 -1.74 -8.87
O3P AMP G . -24.49 -0.46 -10.75
O5' AMP G . -23.45 -2.68 -11.10
C5' AMP G . -22.32 -3.57 -11.13
C4' AMP G . -22.59 -4.65 -12.16
O4' AMP G . -23.52 -5.63 -11.67
C3' AMP G . -23.27 -4.14 -13.42
O3' AMP G . -22.28 -3.56 -14.27
C2' AMP G . -23.87 -5.41 -14.00
O2' AMP G . -22.90 -6.15 -14.77
C1' AMP G . -24.27 -6.18 -12.75
N9 AMP G . -25.70 -5.94 -12.46
C8 AMP G . -26.22 -5.05 -11.56
N7 AMP G . -27.58 -5.08 -11.58
C5 AMP G . -27.94 -5.97 -12.53
C6 AMP G . -29.22 -6.50 -13.06
N6 AMP G . -30.39 -6.01 -12.60
N1 AMP G . -29.12 -7.43 -14.02
C2 AMP G . -27.96 -7.90 -14.52
N3 AMP G . -26.74 -7.49 -14.07
C4 AMP G . -26.70 -6.55 -13.10
P1 POP H . -23.62 -0.37 -14.44
O1 POP H . -23.70 -0.91 -15.85
O2 POP H . -22.40 -0.90 -13.72
O3 POP H . -24.85 -0.65 -13.59
O POP H . -23.39 1.23 -14.55
P2 POP H . -23.30 2.18 -13.25
O4 POP H . -22.09 1.79 -12.42
O5 POP H . -23.09 3.53 -13.89
O6 POP H . -24.57 2.20 -12.43
NA NA I . -23.06 1.95 -9.95
MG MG J . -10.92 -29.38 1.91
MG MG K . -14.65 -31.95 2.45
P AMP L . -13.86 -29.51 0.36
O1P AMP L . -12.37 -29.20 0.46
O2P AMP L . -14.43 -29.28 -1.06
O3P AMP L . -14.27 -30.83 0.91
O5' AMP L . -14.64 -28.38 1.18
C5' AMP L . -14.25 -27.00 1.03
C4' AMP L . -14.76 -26.16 2.20
O4' AMP L . -16.14 -25.83 1.99
C3' AMP L . -14.78 -26.89 3.54
O3' AMP L . -13.49 -26.79 4.14
C2' AMP L . -15.80 -26.09 4.32
O2' AMP L . -15.18 -24.90 4.85
C1' AMP L . -16.81 -25.69 3.23
N9 AMP L . -17.94 -26.66 3.20
C8 AMP L . -18.13 -27.70 2.33
N7 AMP L . -19.27 -28.40 2.64
C5 AMP L . -19.77 -27.79 3.74
C6 AMP L . -20.95 -28.00 4.61
N6 AMP L . -21.82 -29.01 4.35
N1 AMP L . -21.13 -27.14 5.63
C2 AMP L . -20.28 -26.12 5.92
N3 AMP L . -19.18 -25.86 5.19
C4 AMP L . -18.90 -26.65 4.10
P1 POP M . -12.87 -30.14 4.40
O1 POP M . -12.90 -29.67 5.83
O2 POP M . -12.30 -29.08 3.52
O3 POP M . -14.26 -30.54 3.84
O POP M . -11.88 -31.42 4.37
P2 POP M . -11.55 -32.32 3.06
O4 POP M . -11.07 -31.41 1.94
O5 POP M . -10.50 -33.33 3.52
O6 POP M . -12.81 -32.97 2.56
NA NA N . -12.14 -32.17 -0.23
MG MG O . 12.06 29.61 -1.98
MG MG P . 7.45 30.05 -1.67
P AMP Q . 9.75 28.38 0.13
O1P AMP Q . 11.17 28.82 -0.25
O2P AMP Q . 9.65 27.96 1.57
O3P AMP Q . 8.62 29.24 -0.32
O5' AMP Q . 9.53 26.95 -0.60
C5' AMP Q . 10.58 26.01 -0.68
C4' AMP Q . 10.30 24.98 -1.76
O4' AMP Q . 9.35 24.05 -1.27
C3' AMP Q . 9.67 25.56 -3.02
O3' AMP Q . 10.72 26.11 -3.79
C2' AMP Q . 9.03 24.30 -3.59
O2' AMP Q . 10.00 23.47 -4.26
C1' AMP Q . 8.58 23.57 -2.33
N9 AMP Q . 7.14 23.89 -2.06
C8 AMP Q . 6.64 24.76 -1.13
N7 AMP Q . 5.28 24.78 -1.20
C5 AMP Q . 4.91 23.92 -2.19
C6 AMP Q . 3.64 23.45 -2.82
N6 AMP Q . 2.44 23.92 -2.38
N1 AMP Q . 3.73 22.54 -3.81
C2 AMP Q . 4.90 22.05 -4.28
N3 AMP Q . 6.09 22.44 -3.77
C4 AMP Q . 6.14 23.34 -2.74
P1 POP R . 9.52 29.27 -4.00
O1 POP R . 9.48 28.73 -5.42
O2 POP R . 10.68 28.69 -3.24
O3 POP R . 8.22 29.03 -3.25
O POP R . 9.76 30.88 -4.12
P2 POP R . 9.87 31.87 -2.83
O4 POP R . 10.93 31.33 -1.90
O5 POP R . 10.20 33.22 -3.40
O6 POP R . 8.54 31.92 -2.11
NA NA S . 10.05 31.54 0.48
MG MG T . 20.47 -0.19 12.61
MG MG U . 16.62 -2.63 13.05
P AMP V . 17.59 -0.23 11.00
O1P AMP V . 19.08 0.01 11.10
O2P AMP V . 16.99 0.04 9.62
O3P AMP V . 17.12 -1.54 11.56
O5' AMP V . 16.87 0.93 11.87
C5' AMP V . 17.24 2.30 11.69
C4' AMP V . 16.77 3.18 12.84
O4' AMP V . 15.41 3.65 12.62
C3' AMP V . 16.68 2.40 14.15
O3' AMP V . 17.95 2.40 14.79
C2' AMP V . 15.64 3.22 14.91
O2' AMP V . 16.27 4.34 15.54
C1' AMP V . 14.69 3.77 13.84
N9 AMP V . 13.51 2.89 13.79
C8 AMP V . 13.29 1.87 12.92
N7 AMP V . 12.13 1.22 13.18
C5 AMP V . 11.62 1.83 14.26
C6 AMP V . 10.41 1.65 15.06
N6 AMP V . 9.56 0.66 14.74
N1 AMP V . 10.22 2.48 16.09
C2 AMP V . 11.08 3.47 16.42
N3 AMP V . 12.23 3.70 15.75
C4 AMP V . 12.52 2.91 14.67
P1 POP W . 18.44 -0.96 15.00
O1 POP W . 18.36 -0.50 16.42
O2 POP W . 19.13 0.06 14.13
O3 POP W . 17.08 -1.37 14.47
O POP W . 19.39 -2.27 14.99
P2 POP W . 19.73 -3.15 13.67
O4 POP W . 20.32 -2.22 12.63
O5 POP W . 20.77 -4.15 14.18
O6 POP W . 18.47 -3.77 13.14
NA NA X . 19.20 -2.86 10.41
#